data_8ZTK
#
_entry.id   8ZTK
#
_cell.length_a   1.00
_cell.length_b   1.00
_cell.length_c   1.00
_cell.angle_alpha   90.00
_cell.angle_beta   90.00
_cell.angle_gamma   90.00
#
_symmetry.space_group_name_H-M   'P 1'
#
loop_
_entity.id
_entity.type
_entity.pdbx_description
1 polymer 'Aluminum-activated malate transporter 9'
2 non-polymer '2-(HEXADECANOYLOXY)-1-[(PHOSPHONOOXY)METHYL]ETHYL HEXADECANOATE'
3 water water
#
_entity_poly.entity_id   1
_entity_poly.type   'polypeptide(L)'
_entity_poly.pdbx_seq_one_letter_code
;MAAKQGSFRHGILEKRERLLSNNGFSDFRFTDIESNDLLENENCGRRTRLCCCCSCGNLSEKISGVYDDAKDVARKAWEM
GVSDPRKIVFSAKIGLALTIVALLIFYQEPNPDLSRYSVWAILTVVVVFEFTIGATLSKGFNRALGTLSAGGLALGMAEL
STLFGDWEEIFCTLSIFCIGFLATFMKLYPSMKAYEYGFRVFLLTYCYILISGFRTGQFIEVAISRFLLIALGAGVSLGV
NMFIYPIWAGEDLHNLVVKNFMNVATSLEGCVNGYLRCLEYERIPSKILTYQASEDPVYKGYRSAVESTSQEESLMSFAI
WEPPHGPYKSFNYPWKNYVKLSGALKHCAFTVMALHGCILSEIQAPEERRQVFRQELQRVGVEGAKLLRELGEKVKKMEK
LGPVDLLFEVHLAAEELQHKIDKKSYLLVNSECWEIGNRATKESEPQELLSLEDSDPPENHAPPIYAFKSLSEAVLEIPP
SWGEKNHREALNHRPTFSKQVSWPARLVLPPHLETTNGASPLVETTKTYESASALSLATFASLLIEFVARLQNVVDAFKE
LSQKANFKEPEIVTTGTDVEFSGERVGLGQKIRRCFGM
;
_entity_poly.pdbx_strand_id   A,B
#
loop_
_chem_comp.id
_chem_comp.type
_chem_comp.name
_chem_comp.formula
LPP non-polymer '2-(HEXADECANOYLOXY)-1-[(PHOSPHONOOXY)METHYL]ETHYL HEXADECANOATE' 'C35 H69 O8 P'
#
# COMPACT_ATOMS: atom_id res chain seq x y z
N ALA A 77 -22.94 -5.22 4.33
CA ALA A 77 -23.39 -4.94 5.69
C ALA A 77 -23.69 -6.24 6.43
N TRP A 78 -24.96 -6.65 6.39
CA TRP A 78 -25.36 -7.89 7.05
C TRP A 78 -24.52 -9.07 6.56
N GLU A 79 -24.23 -9.12 5.26
CA GLU A 79 -23.44 -10.22 4.73
C GLU A 79 -22.05 -10.26 5.35
N MET A 80 -21.37 -9.10 5.39
CA MET A 80 -20.03 -9.06 5.97
C MET A 80 -20.07 -9.36 7.47
N GLY A 81 -21.14 -8.96 8.14
CA GLY A 81 -21.26 -9.26 9.56
C GLY A 81 -21.44 -10.74 9.83
N VAL A 82 -22.32 -11.39 9.05
CA VAL A 82 -22.54 -12.82 9.24
C VAL A 82 -21.29 -13.60 8.87
N SER A 83 -20.59 -13.17 7.81
CA SER A 83 -19.34 -13.85 7.45
C SER A 83 -18.24 -13.54 8.45
N ASP A 84 -18.15 -12.30 8.91
CA ASP A 84 -17.10 -11.87 9.83
C ASP A 84 -17.71 -11.42 11.15
N PRO A 85 -17.78 -12.29 12.16
CA PRO A 85 -18.30 -11.87 13.47
C PRO A 85 -17.32 -11.08 14.32
N ARG A 86 -16.05 -11.02 13.93
CA ARG A 86 -15.06 -10.25 14.68
C ARG A 86 -15.32 -8.75 14.58
N LYS A 87 -15.72 -8.28 13.40
CA LYS A 87 -16.02 -6.86 13.23
C LYS A 87 -17.13 -6.39 14.14
N ILE A 88 -18.16 -7.23 14.34
CA ILE A 88 -19.26 -6.86 15.22
C ILE A 88 -18.78 -6.80 16.67
N VAL A 89 -17.88 -7.69 17.05
CA VAL A 89 -17.34 -7.67 18.41
C VAL A 89 -16.53 -6.40 18.63
N PHE A 90 -15.66 -6.06 17.68
CA PHE A 90 -14.87 -4.84 17.81
C PHE A 90 -15.76 -3.60 17.92
N SER A 91 -16.81 -3.53 17.10
CA SER A 91 -17.68 -2.36 17.12
C SER A 91 -18.50 -2.28 18.40
N ALA A 92 -18.89 -3.43 18.98
CA ALA A 92 -19.60 -3.36 20.24
C ALA A 92 -18.67 -3.13 21.41
N LYS A 93 -17.38 -3.42 21.23
CA LYS A 93 -16.41 -3.12 22.28
C LYS A 93 -16.18 -1.62 22.35
N ILE A 94 -16.09 -0.97 21.18
CA ILE A 94 -15.93 0.48 21.18
C ILE A 94 -17.19 1.16 21.68
N GLY A 95 -18.36 0.64 21.30
CA GLY A 95 -19.60 1.18 21.84
C GLY A 95 -19.67 1.07 23.35
N LEU A 96 -19.23 -0.06 23.90
CA LEU A 96 -19.25 -0.24 25.35
C LEU A 96 -18.28 0.70 26.05
N ALA A 97 -17.10 0.90 25.47
CA ALA A 97 -16.14 1.81 26.09
C ALA A 97 -16.67 3.24 26.09
N LEU A 98 -17.31 3.66 25.01
CA LEU A 98 -17.88 5.01 24.98
C LEU A 98 -19.02 5.14 25.98
N THR A 99 -19.86 4.10 26.10
CA THR A 99 -20.97 4.21 27.03
C THR A 99 -20.51 4.16 28.48
N ILE A 100 -19.33 3.60 28.75
CA ILE A 100 -18.81 3.61 30.11
C ILE A 100 -18.21 4.95 30.45
N VAL A 101 -17.41 5.51 29.54
CA VAL A 101 -16.91 6.86 29.75
C VAL A 101 -18.08 7.84 29.95
N ALA A 102 -19.17 7.64 29.20
CA ALA A 102 -20.35 8.50 29.38
C ALA A 102 -20.99 8.31 30.75
N LEU A 103 -21.15 7.05 31.19
CA LEU A 103 -21.76 6.81 32.49
C LEU A 103 -20.95 7.44 33.61
N LEU A 104 -19.62 7.31 33.55
CA LEU A 104 -18.81 7.88 34.63
C LEU A 104 -18.83 9.40 34.67
N ILE A 105 -19.59 10.06 33.80
CA ILE A 105 -19.63 11.52 33.75
C ILE A 105 -21.06 12.00 33.98
N PHE A 106 -22.04 11.18 33.59
CA PHE A 106 -23.44 11.55 33.80
C PHE A 106 -23.88 11.42 35.25
N TYR A 107 -23.15 10.67 36.08
CA TYR A 107 -23.56 10.41 37.45
C TYR A 107 -22.87 11.31 38.46
N GLN A 108 -22.04 12.25 38.03
CA GLN A 108 -21.46 13.24 38.92
C GLN A 108 -22.38 14.43 39.04
N GLU A 109 -22.35 15.09 40.20
CA GLU A 109 -23.24 16.20 40.47
C GLU A 109 -23.17 17.22 39.32
N PRO A 110 -24.31 17.71 38.83
CA PRO A 110 -24.29 18.64 37.69
C PRO A 110 -23.38 19.83 37.94
N ASN A 111 -22.40 20.04 37.06
CA ASN A 111 -21.47 21.15 37.18
C ASN A 111 -21.25 21.77 35.81
N PRO A 112 -21.22 23.11 35.74
CA PRO A 112 -20.92 23.75 34.45
C PRO A 112 -19.48 23.58 34.01
N ASP A 113 -18.53 23.61 34.94
CA ASP A 113 -17.12 23.53 34.61
C ASP A 113 -16.61 22.11 34.40
N LEU A 114 -17.41 21.09 34.74
CA LEU A 114 -17.00 19.71 34.47
C LEU A 114 -17.35 19.27 33.06
N SER A 115 -18.51 19.68 32.55
CA SER A 115 -18.93 19.27 31.21
C SER A 115 -17.96 19.76 30.14
N ARG A 116 -17.31 20.90 30.38
CA ARG A 116 -16.43 21.48 29.37
C ARG A 116 -15.18 20.62 29.15
N TYR A 117 -14.66 20.00 30.20
CA TYR A 117 -13.50 19.14 30.06
C TYR A 117 -13.83 17.74 29.51
N SER A 118 -15.10 17.35 29.49
CA SER A 118 -15.46 15.99 29.15
C SER A 118 -14.96 15.57 27.77
N VAL A 119 -14.81 16.53 26.84
CA VAL A 119 -14.45 16.18 25.47
C VAL A 119 -13.12 15.44 25.36
N TRP A 120 -12.23 15.61 26.34
CA TRP A 120 -10.90 15.01 26.22
C TRP A 120 -10.92 13.50 26.45
N ALA A 121 -11.83 13.02 27.30
CA ALA A 121 -11.92 11.58 27.51
C ALA A 121 -12.52 10.91 26.29
N ILE A 122 -13.50 11.56 25.64
CA ILE A 122 -14.06 11.02 24.41
C ILE A 122 -12.99 10.97 23.32
N LEU A 123 -12.17 12.03 23.23
CA LEU A 123 -11.14 12.04 22.21
C LEU A 123 -10.12 10.94 22.44
N THR A 124 -9.68 10.76 23.70
CA THR A 124 -8.74 9.70 24.01
C THR A 124 -9.33 8.32 23.68
N VAL A 125 -10.57 8.07 24.12
CA VAL A 125 -11.21 6.79 23.84
C VAL A 125 -11.34 6.53 22.34
N VAL A 126 -11.54 7.58 21.55
CA VAL A 126 -11.71 7.39 20.11
C VAL A 126 -10.39 7.38 19.35
N VAL A 127 -9.28 7.73 20.00
CA VAL A 127 -7.99 7.76 19.33
C VAL A 127 -7.09 6.58 19.71
N VAL A 128 -7.18 6.06 20.94
CA VAL A 128 -6.23 5.03 21.38
C VAL A 128 -6.71 3.61 21.13
N PHE A 129 -7.91 3.41 20.57
CA PHE A 129 -8.48 2.09 20.41
C PHE A 129 -8.04 1.50 19.06
N GLU A 130 -7.24 0.45 19.09
CA GLU A 130 -6.77 -0.23 17.89
C GLU A 130 -7.36 -1.63 17.78
N PHE A 131 -7.09 -2.26 16.63
CA PHE A 131 -7.65 -3.58 16.33
C PHE A 131 -6.95 -4.71 17.09
N THR A 132 -5.65 -4.57 17.36
CA THR A 132 -4.87 -5.60 18.03
C THR A 132 -4.28 -5.04 19.32
N ILE A 133 -3.86 -5.94 20.21
CA ILE A 133 -3.28 -5.52 21.48
C ILE A 133 -1.86 -5.01 21.30
N GLY A 134 -1.08 -5.62 20.40
CA GLY A 134 0.27 -5.17 20.17
C GLY A 134 0.32 -3.81 19.51
N ALA A 135 -0.63 -3.53 18.62
CA ALA A 135 -0.68 -2.23 18.00
C ALA A 135 -1.09 -1.16 18.97
N THR A 136 -2.02 -1.47 19.85
CA THR A 136 -2.41 -0.50 20.88
C THR A 136 -1.24 -0.20 21.81
N LEU A 137 -0.50 -1.23 22.23
CA LEU A 137 0.60 -0.98 23.16
C LEU A 137 1.74 -0.21 22.50
N SER A 138 2.08 -0.54 21.26
CA SER A 138 3.17 0.14 20.59
C SER A 138 2.82 1.60 20.30
N LYS A 139 1.59 1.86 19.83
CA LYS A 139 1.21 3.23 19.53
C LYS A 139 1.04 4.06 20.79
N GLY A 140 0.59 3.45 21.90
CA GLY A 140 0.53 4.19 23.15
C GLY A 140 1.90 4.56 23.66
N PHE A 141 2.87 3.65 23.52
CA PHE A 141 4.24 3.96 23.90
C PHE A 141 4.78 5.13 23.08
N ASN A 142 4.56 5.08 21.76
CA ASN A 142 5.07 6.16 20.91
C ASN A 142 4.42 7.51 21.24
N ARG A 143 3.09 7.51 21.43
CA ARG A 143 2.41 8.75 21.77
C ARG A 143 2.84 9.30 23.13
N ALA A 144 3.22 8.42 24.07
CA ALA A 144 3.67 8.93 25.35
C ALA A 144 5.08 9.49 25.27
N LEU A 145 5.94 8.90 24.45
CA LEU A 145 7.27 9.48 24.28
C LEU A 145 7.17 10.83 23.58
N GLY A 146 6.30 10.93 22.58
CA GLY A 146 6.08 12.20 21.92
C GLY A 146 5.63 13.28 22.89
N THR A 147 4.51 13.03 23.59
CA THR A 147 3.98 14.04 24.50
C THR A 147 4.98 14.43 25.58
N LEU A 148 5.81 13.49 26.05
CA LEU A 148 6.75 13.88 27.10
C LEU A 148 7.96 14.62 26.56
N SER A 149 8.44 14.29 25.36
CA SER A 149 9.54 15.08 24.81
C SER A 149 9.07 16.47 24.44
N ALA A 150 7.80 16.61 24.07
CA ALA A 150 7.27 17.93 23.76
C ALA A 150 7.17 18.78 25.01
N GLY A 151 6.51 18.26 26.06
CA GLY A 151 6.44 19.02 27.30
C GLY A 151 7.81 19.31 27.89
N GLY A 152 8.80 18.48 27.59
CA GLY A 152 10.14 18.70 28.09
C GLY A 152 10.85 19.81 27.37
N LEU A 153 10.84 19.80 26.03
CA LEU A 153 11.43 20.92 25.30
C LEU A 153 10.71 22.22 25.64
N ALA A 154 9.38 22.17 25.80
CA ALA A 154 8.65 23.38 26.12
C ALA A 154 9.10 23.97 27.45
N LEU A 155 9.19 23.12 28.49
CA LEU A 155 9.67 23.63 29.78
C LEU A 155 11.14 24.00 29.75
N GLY A 156 11.92 23.40 28.84
CA GLY A 156 13.33 23.74 28.72
C GLY A 156 13.60 24.90 27.78
N MET A 157 12.55 25.52 27.27
CA MET A 157 12.69 26.66 26.38
C MET A 157 12.00 27.91 26.92
N ALA A 158 10.85 27.77 27.57
CA ALA A 158 10.21 28.96 28.13
C ALA A 158 11.10 29.65 29.15
N GLU A 159 12.00 28.89 29.80
CA GLU A 159 12.94 29.51 30.73
C GLU A 159 13.91 30.41 29.99
N LEU A 160 14.49 29.91 28.89
CA LEU A 160 15.34 30.78 28.09
C LEU A 160 14.55 31.98 27.62
N SER A 161 13.23 31.80 27.40
CA SER A 161 12.40 32.90 26.95
C SER A 161 12.37 34.01 27.99
N THR A 162 12.13 33.65 29.25
CA THR A 162 12.02 34.65 30.30
C THR A 162 13.25 35.55 30.37
N LEU A 163 14.43 34.98 30.12
CA LEU A 163 15.66 35.76 30.16
C LEU A 163 15.66 36.94 29.20
N PHE A 164 15.01 36.77 28.04
CA PHE A 164 15.03 37.83 27.03
C PHE A 164 14.48 39.14 27.58
N GLY A 165 13.37 39.09 28.32
CA GLY A 165 12.79 40.28 28.90
C GLY A 165 11.60 40.79 28.09
N ASP A 166 11.65 42.07 27.72
CA ASP A 166 10.53 42.69 27.01
C ASP A 166 10.26 41.95 25.70
N TRP A 167 11.29 41.68 24.91
CA TRP A 167 11.13 40.98 23.64
C TRP A 167 10.95 39.48 23.88
N GLU A 168 9.90 39.15 24.63
CA GLU A 168 9.59 37.77 24.99
C GLU A 168 8.72 37.10 23.94
N GLU A 169 7.67 37.78 23.47
CA GLU A 169 6.78 37.19 22.47
C GLU A 169 7.52 36.89 21.17
N ILE A 170 8.46 37.76 20.79
CA ILE A 170 9.21 37.54 19.56
C ILE A 170 10.00 36.23 19.64
N PHE A 171 10.61 35.96 20.79
CA PHE A 171 11.36 34.71 20.95
C PHE A 171 10.44 33.50 20.79
N CYS A 172 9.26 33.55 21.41
CA CYS A 172 8.32 32.43 21.30
C CYS A 172 7.89 32.22 19.86
N THR A 173 7.46 33.30 19.20
CA THR A 173 7.02 33.18 17.82
C THR A 173 8.16 32.74 16.90
N LEU A 174 9.41 33.01 17.28
CA LEU A 174 10.54 32.59 16.47
C LEU A 174 10.98 31.17 16.76
N SER A 175 10.56 30.62 17.89
CA SER A 175 10.86 29.22 18.21
C SER A 175 9.78 28.29 17.67
N ILE A 176 8.53 28.76 17.65
CA ILE A 176 7.45 27.96 17.07
C ILE A 176 7.69 27.70 15.59
N PHE A 177 8.28 28.67 14.87
CA PHE A 177 8.55 28.47 13.46
C PHE A 177 9.59 27.38 13.24
N CYS A 178 10.66 27.39 14.05
CA CYS A 178 11.71 26.41 13.85
C CYS A 178 11.26 25.01 14.29
N ILE A 179 10.42 24.93 15.32
CA ILE A 179 9.92 23.63 15.72
C ILE A 179 8.93 23.09 14.68
N GLY A 180 8.10 23.97 14.11
CA GLY A 180 7.22 23.53 13.05
C GLY A 180 7.98 23.05 11.84
N PHE A 181 9.07 23.74 11.49
CA PHE A 181 9.84 23.35 10.32
C PHE A 181 10.53 22.01 10.55
N LEU A 182 11.13 21.82 11.73
CA LEU A 182 11.85 20.56 11.93
C LEU A 182 10.89 19.39 12.10
N ALA A 183 9.72 19.63 12.70
CA ALA A 183 8.76 18.55 12.90
C ALA A 183 7.98 18.24 11.65
N THR A 184 7.99 19.15 10.66
CA THR A 184 7.38 18.83 9.38
C THR A 184 8.40 18.27 8.39
N PHE A 185 9.68 18.54 8.61
CA PHE A 185 10.72 18.04 7.73
C PHE A 185 11.24 16.66 8.15
N MET A 186 11.05 16.28 9.42
CA MET A 186 11.52 14.97 9.85
C MET A 186 10.45 13.89 9.73
N LYS A 187 9.21 14.28 9.44
CA LYS A 187 8.13 13.32 9.19
C LYS A 187 8.07 12.89 7.74
N LEU A 188 8.87 13.48 6.86
CA LEU A 188 8.84 13.21 5.44
C LEU A 188 9.99 12.32 4.97
N TYR A 189 10.70 11.69 5.90
CA TYR A 189 11.81 10.81 5.53
C TYR A 189 11.28 9.40 5.26
N PRO A 190 11.71 8.76 4.18
CA PRO A 190 11.12 7.46 3.83
C PRO A 190 11.24 6.41 4.92
N SER A 191 12.27 6.51 5.77
CA SER A 191 12.39 5.55 6.87
C SER A 191 11.43 5.85 8.00
N MET A 192 11.03 7.12 8.15
CA MET A 192 10.12 7.56 9.21
C MET A 192 8.72 7.82 8.67
N LYS A 193 8.22 6.97 7.77
CA LYS A 193 6.93 7.16 7.14
C LYS A 193 5.84 6.29 7.77
N ALA A 194 6.10 5.74 8.95
CA ALA A 194 5.09 5.01 9.70
C ALA A 194 4.67 5.73 10.98
N TYR A 195 5.59 6.38 11.65
CA TYR A 195 5.35 7.02 12.95
C TYR A 195 5.01 8.51 12.82
N GLU A 196 4.07 8.84 11.94
CA GLU A 196 3.65 10.24 11.84
C GLU A 196 2.85 10.69 13.04
N TYR A 197 2.32 9.75 13.82
CA TYR A 197 1.50 10.04 14.97
C TYR A 197 2.32 10.29 16.23
N GLY A 198 3.63 10.06 16.18
CA GLY A 198 4.49 10.43 17.29
C GLY A 198 5.05 11.81 17.07
N PHE A 199 4.99 12.28 15.81
CA PHE A 199 5.43 13.62 15.45
C PHE A 199 4.28 14.63 15.54
N ARG A 200 3.07 14.21 15.17
CA ARG A 200 1.93 15.12 15.26
C ARG A 200 1.63 15.48 16.72
N VAL A 201 1.74 14.50 17.62
CA VAL A 201 1.48 14.79 19.03
C VAL A 201 2.58 15.67 19.60
N PHE A 202 3.82 15.47 19.16
CA PHE A 202 4.91 16.32 19.61
C PHE A 202 4.66 17.76 19.21
N LEU A 203 4.29 17.99 17.95
CA LEU A 203 4.06 19.35 17.48
C LEU A 203 2.88 19.98 18.21
N LEU A 204 1.78 19.24 18.33
CA LEU A 204 0.60 19.78 19.00
C LEU A 204 0.90 20.12 20.46
N THR A 205 1.73 19.31 21.12
CA THR A 205 2.01 19.57 22.54
C THR A 205 2.92 20.78 22.68
N TYR A 206 3.99 20.83 21.88
CA TYR A 206 4.93 21.94 22.01
C TYR A 206 4.24 23.27 21.73
N CYS A 207 3.36 23.30 20.73
CA CYS A 207 2.70 24.55 20.36
C CYS A 207 1.66 24.98 21.40
N TYR A 208 0.96 24.02 22.01
CA TYR A 208 -0.05 24.33 23.01
C TYR A 208 0.52 24.85 24.33
N ILE A 209 1.82 24.73 24.59
CA ILE A 209 2.36 25.14 25.88
C ILE A 209 3.08 26.47 25.82
N LEU A 210 3.18 27.09 24.65
CA LEU A 210 3.83 28.38 24.52
C LEU A 210 2.88 29.51 24.16
N ILE A 211 1.64 29.19 23.78
CA ILE A 211 0.65 30.21 23.42
C ILE A 211 -0.58 30.06 24.31
N SER A 212 -0.41 29.52 25.52
CA SER A 212 -1.53 29.29 26.42
C SER A 212 -1.35 29.96 27.78
N GLY A 213 -0.34 30.82 27.93
CA GLY A 213 -0.15 31.56 29.17
C GLY A 213 0.65 30.81 30.20
N PHE A 214 1.85 30.36 29.84
CA PHE A 214 2.67 29.58 30.76
C PHE A 214 2.96 30.33 32.06
N ARG A 215 2.89 31.66 32.05
CA ARG A 215 3.23 32.48 33.22
C ARG A 215 2.02 32.89 34.04
N THR A 216 0.83 32.39 33.73
CA THR A 216 -0.34 32.67 34.54
C THR A 216 -0.45 31.62 35.64
N GLY A 217 -1.61 31.51 36.29
CA GLY A 217 -1.80 30.49 37.30
C GLY A 217 -2.88 29.50 36.92
N GLN A 218 -3.88 29.96 36.16
CA GLN A 218 -4.91 29.07 35.67
C GLN A 218 -4.36 28.02 34.70
N PHE A 219 -3.16 28.23 34.17
CA PHE A 219 -2.58 27.30 33.22
C PHE A 219 -2.41 25.91 33.82
N ILE A 220 -1.75 25.82 34.98
CA ILE A 220 -1.44 24.52 35.58
C ILE A 220 -2.72 23.76 35.91
N GLU A 221 -3.75 24.47 36.40
CA GLU A 221 -4.99 23.80 36.77
C GLU A 221 -5.63 23.14 35.55
N VAL A 222 -5.75 23.89 34.45
CA VAL A 222 -6.36 23.34 33.24
C VAL A 222 -5.53 22.19 32.70
N ALA A 223 -4.21 22.33 32.73
CA ALA A 223 -3.36 21.26 32.24
C ALA A 223 -3.55 19.99 33.05
N ILE A 224 -3.64 20.13 34.38
CA ILE A 224 -3.78 18.96 35.24
C ILE A 224 -5.11 18.27 34.97
N SER A 225 -6.19 19.05 34.88
CA SER A 225 -7.50 18.43 34.69
C SER A 225 -7.58 17.75 33.32
N ARG A 226 -6.96 18.34 32.30
CA ARG A 226 -6.98 17.73 30.99
C ARG A 226 -6.17 16.43 30.97
N PHE A 227 -5.00 16.43 31.61
CA PHE A 227 -4.22 15.19 31.68
C PHE A 227 -4.95 14.13 32.48
N LEU A 228 -5.69 14.52 33.51
CA LEU A 228 -6.46 13.55 34.28
C LEU A 228 -7.51 12.87 33.42
N LEU A 229 -8.27 13.67 32.66
CA LEU A 229 -9.29 13.07 31.80
C LEU A 229 -8.67 12.21 30.72
N ILE A 230 -7.50 12.60 30.19
CA ILE A 230 -6.86 11.80 29.16
C ILE A 230 -6.40 10.45 29.74
N ALA A 231 -5.88 10.47 30.96
CA ALA A 231 -5.45 9.20 31.56
C ALA A 231 -6.65 8.31 31.88
N LEU A 232 -7.77 8.90 32.28
CA LEU A 232 -8.95 8.09 32.53
C LEU A 232 -9.44 7.42 31.25
N GLY A 233 -9.47 8.18 30.15
CA GLY A 233 -9.94 7.60 28.90
C GLY A 233 -9.03 6.52 28.39
N ALA A 234 -7.70 6.70 28.53
CA ALA A 234 -6.78 5.68 28.06
C ALA A 234 -6.88 4.42 28.91
N GLY A 235 -7.05 4.57 30.23
CA GLY A 235 -7.20 3.40 31.08
C GLY A 235 -8.45 2.61 30.76
N VAL A 236 -9.56 3.31 30.52
CA VAL A 236 -10.80 2.61 30.17
C VAL A 236 -10.64 1.88 28.85
N SER A 237 -10.11 2.56 27.84
CA SER A 237 -9.92 1.91 26.55
C SER A 237 -9.03 0.67 26.66
N LEU A 238 -7.93 0.77 27.41
CA LEU A 238 -7.02 -0.36 27.50
C LEU A 238 -7.62 -1.54 28.25
N GLY A 239 -8.44 -1.28 29.29
CA GLY A 239 -9.06 -2.39 29.99
C GLY A 239 -10.17 -3.05 29.19
N VAL A 240 -10.97 -2.25 28.48
CA VAL A 240 -12.04 -2.80 27.66
C VAL A 240 -11.52 -3.38 26.36
N ASN A 241 -10.24 -3.21 26.06
CA ASN A 241 -9.64 -3.83 24.89
C ASN A 241 -8.87 -5.08 25.24
N MET A 242 -8.26 -5.13 26.43
CA MET A 242 -7.45 -6.28 26.80
C MET A 242 -8.23 -7.36 27.53
N PHE A 243 -9.35 -7.03 28.18
CA PHE A 243 -10.03 -8.03 29.00
C PHE A 243 -11.32 -8.59 28.39
N ILE A 244 -11.75 -8.13 27.21
CA ILE A 244 -12.93 -8.68 26.57
C ILE A 244 -12.60 -9.11 25.14
N TYR A 245 -12.57 -10.42 24.91
CA TYR A 245 -12.31 -11.00 23.60
C TYR A 245 -11.12 -10.40 22.86
N PRO A 246 -9.92 -10.48 23.44
CA PRO A 246 -8.74 -9.89 22.78
C PRO A 246 -8.47 -10.54 21.42
N ILE A 247 -8.00 -9.72 20.48
CA ILE A 247 -7.54 -10.18 19.17
C ILE A 247 -6.03 -10.10 19.13
N TRP A 248 -5.39 -11.19 18.72
CA TRP A 248 -3.93 -11.29 18.69
C TRP A 248 -3.43 -11.26 17.25
N ALA A 249 -2.27 -10.63 17.04
CA ALA A 249 -1.67 -10.54 15.71
C ALA A 249 -0.90 -11.79 15.30
N GLY A 250 -0.49 -12.62 16.26
CA GLY A 250 0.22 -13.83 15.90
C GLY A 250 -0.70 -14.88 15.32
N GLU A 251 -1.97 -14.86 15.71
CA GLU A 251 -2.92 -15.79 15.10
C GLU A 251 -3.28 -15.32 13.70
N ASP A 252 -3.14 -14.03 13.43
CA ASP A 252 -3.42 -13.52 12.08
C ASP A 252 -2.27 -13.86 11.14
N LEU A 253 -1.03 -13.79 11.64
CA LEU A 253 0.09 -14.21 10.80
C LEU A 253 0.04 -15.72 10.56
N HIS A 254 -0.24 -16.49 11.61
CA HIS A 254 -0.36 -17.94 11.47
C HIS A 254 -1.42 -18.32 10.45
N ASN A 255 -2.58 -17.64 10.47
CA ASN A 255 -3.64 -17.99 9.54
C ASN A 255 -3.36 -17.49 8.12
N LEU A 256 -2.65 -16.37 8.00
CA LEU A 256 -2.32 -15.84 6.68
C LEU A 256 -1.39 -16.77 5.92
N VAL A 257 -0.44 -17.39 6.63
CA VAL A 257 0.48 -18.29 5.93
C VAL A 257 -0.28 -19.48 5.33
N VAL A 258 -1.22 -20.05 6.09
CA VAL A 258 -2.00 -21.18 5.59
C VAL A 258 -2.88 -20.76 4.42
N LYS A 259 -3.46 -19.56 4.49
CA LYS A 259 -4.30 -19.11 3.39
C LYS A 259 -3.49 -18.93 2.11
N ASN A 260 -2.27 -18.42 2.23
CA ASN A 260 -1.45 -18.26 1.04
C ASN A 260 -1.04 -19.61 0.45
N PHE A 261 -0.79 -20.60 1.33
CA PHE A 261 -0.44 -21.93 0.84
C PHE A 261 -1.59 -22.54 0.06
N MET A 262 -2.83 -22.36 0.54
CA MET A 262 -3.97 -22.87 -0.21
C MET A 262 -4.16 -22.14 -1.55
N ASN A 263 -3.99 -20.81 -1.54
CA ASN A 263 -4.26 -20.03 -2.75
C ASN A 263 -3.28 -20.35 -3.87
N VAL A 264 -2.01 -20.61 -3.53
CA VAL A 264 -1.06 -20.89 -4.61
C VAL A 264 -1.40 -22.21 -5.31
N ALA A 265 -1.85 -23.21 -4.55
CA ALA A 265 -2.25 -24.48 -5.17
C ALA A 265 -3.49 -24.31 -6.04
N THR A 266 -4.44 -23.49 -5.59
CA THR A 266 -5.63 -23.25 -6.40
C THR A 266 -5.25 -22.57 -7.71
N SER A 267 -4.34 -21.59 -7.64
CA SER A 267 -3.92 -20.89 -8.85
C SER A 267 -3.19 -21.83 -9.82
N LEU A 268 -2.34 -22.72 -9.29
CA LEU A 268 -1.62 -23.63 -10.19
C LEU A 268 -2.58 -24.56 -10.92
N GLU A 269 -3.55 -25.13 -10.19
CA GLU A 269 -4.51 -26.00 -10.86
C GLU A 269 -5.35 -25.24 -11.88
N GLY A 270 -5.77 -24.03 -11.54
CA GLY A 270 -6.54 -23.24 -12.48
C GLY A 270 -5.75 -22.89 -13.72
N CYS A 271 -4.45 -22.65 -13.58
CA CYS A 271 -3.64 -22.30 -14.73
C CYS A 271 -3.48 -23.48 -15.68
N VAL A 272 -3.16 -24.67 -15.12
CA VAL A 272 -2.99 -25.81 -16.02
C VAL A 272 -4.31 -26.15 -16.70
N ASN A 273 -5.43 -26.07 -15.97
CA ASN A 273 -6.71 -26.38 -16.59
C ASN A 273 -7.07 -25.36 -17.67
N GLY A 274 -6.87 -24.07 -17.39
CA GLY A 274 -7.17 -23.07 -18.40
C GLY A 274 -6.33 -23.22 -19.65
N TYR A 275 -5.03 -23.55 -19.48
CA TYR A 275 -4.20 -23.74 -20.67
C TYR A 275 -4.64 -24.96 -21.46
N LEU A 276 -5.11 -26.01 -20.80
CA LEU A 276 -5.49 -27.23 -21.52
C LEU A 276 -6.97 -27.28 -21.86
N ARG A 277 -7.75 -26.27 -21.48
CA ARG A 277 -9.18 -26.25 -21.74
C ARG A 277 -9.43 -25.81 -23.18
N CYS A 278 -9.98 -26.73 -23.98
CA CYS A 278 -10.26 -26.45 -25.39
C CYS A 278 -11.15 -25.22 -25.54
N VAL A 298 -7.85 -17.14 -11.21
CA VAL A 298 -6.46 -17.51 -10.99
C VAL A 298 -5.68 -16.32 -10.47
N TYR A 299 -6.19 -15.11 -10.74
CA TYR A 299 -5.47 -13.90 -10.37
C TYR A 299 -5.27 -13.80 -8.87
N LYS A 300 -6.35 -13.99 -8.10
CA LYS A 300 -6.29 -13.77 -6.66
C LYS A 300 -5.33 -14.72 -5.96
N GLY A 301 -5.22 -15.96 -6.43
CA GLY A 301 -4.33 -16.90 -5.79
C GLY A 301 -2.89 -16.42 -5.71
N TYR A 302 -2.25 -16.20 -6.85
CA TYR A 302 -0.87 -15.76 -6.83
C TYR A 302 -0.74 -14.28 -6.46
N ARG A 303 -1.80 -13.49 -6.64
CA ARG A 303 -1.72 -12.07 -6.32
C ARG A 303 -1.70 -11.84 -4.82
N SER A 304 -2.47 -12.63 -4.06
CA SER A 304 -2.47 -12.48 -2.61
C SER A 304 -1.10 -12.80 -2.04
N ALA A 305 -0.43 -13.82 -2.59
CA ALA A 305 0.91 -14.16 -2.13
C ALA A 305 1.92 -13.09 -2.53
N VAL A 306 1.91 -12.67 -3.80
CA VAL A 306 2.89 -11.70 -4.25
C VAL A 306 2.76 -10.38 -3.50
N GLU A 307 1.53 -9.98 -3.18
CA GLU A 307 1.31 -8.69 -2.54
C GLU A 307 0.93 -8.81 -1.07
N SER A 308 1.84 -9.34 -0.24
CA SER A 308 1.52 -9.49 1.17
C SER A 308 2.69 -9.28 2.11
N THR A 309 3.91 -9.07 1.63
CA THR A 309 5.06 -8.93 2.52
C THR A 309 4.87 -7.80 3.53
N SER A 310 4.25 -6.69 3.11
CA SER A 310 4.03 -5.59 4.02
C SER A 310 3.13 -6.00 5.18
N GLN A 311 2.04 -6.71 4.89
CA GLN A 311 1.17 -7.19 5.95
C GLN A 311 1.90 -8.14 6.88
N GLU A 312 2.71 -9.04 6.32
CA GLU A 312 3.42 -10.02 7.14
C GLU A 312 4.40 -9.32 8.08
N GLU A 313 5.07 -8.27 7.61
CA GLU A 313 6.03 -7.59 8.46
C GLU A 313 5.35 -6.69 9.49
N SER A 314 4.20 -6.11 9.14
CA SER A 314 3.46 -5.34 10.13
C SER A 314 2.96 -6.25 11.26
N LEU A 315 2.39 -7.41 10.88
CA LEU A 315 1.90 -8.34 11.89
C LEU A 315 3.06 -8.91 12.71
N MET A 316 4.24 -9.03 12.11
CA MET A 316 5.40 -9.48 12.88
C MET A 316 5.88 -8.39 13.83
N SER A 317 5.59 -7.13 13.55
CA SER A 317 6.06 -6.03 14.40
C SER A 317 5.20 -5.80 15.65
N PHE A 318 4.05 -6.45 15.73
CA PHE A 318 3.17 -6.28 16.88
C PHE A 318 3.05 -7.55 17.72
N ALA A 319 3.15 -8.71 17.08
CA ALA A 319 3.05 -9.99 17.78
C ALA A 319 4.11 -10.11 18.82
N ILE A 320 5.10 -9.25 18.73
CA ILE A 320 6.20 -9.23 19.69
C ILE A 320 5.88 -8.56 21.03
N TRP A 321 5.22 -7.41 21.00
CA TRP A 321 4.80 -6.75 22.23
C TRP A 321 3.85 -7.57 23.06
N GLU A 322 3.21 -8.56 22.45
CA GLU A 322 2.21 -9.36 23.14
C GLU A 322 2.81 -10.43 24.04
N PRO A 323 2.13 -10.73 25.17
CA PRO A 323 2.64 -11.74 26.11
C PRO A 323 2.29 -13.14 25.67
N PRO A 324 2.93 -14.16 26.25
CA PRO A 324 2.63 -15.54 25.89
C PRO A 324 1.17 -15.90 26.14
N HIS A 325 0.62 -16.74 25.25
CA HIS A 325 -0.77 -17.13 25.35
C HIS A 325 -1.02 -18.35 24.46
N GLY A 326 -1.75 -19.31 24.98
CA GLY A 326 -2.17 -20.48 24.24
C GLY A 326 -1.04 -21.37 23.76
N PRO A 327 -1.02 -21.66 22.45
CA PRO A 327 0.03 -22.53 21.91
C PRO A 327 1.41 -21.90 21.88
N TYR A 328 1.50 -20.57 21.94
CA TYR A 328 2.78 -19.86 21.89
C TYR A 328 3.13 -19.47 23.32
N LYS A 329 3.96 -20.29 23.97
CA LYS A 329 4.24 -20.13 25.39
C LYS A 329 5.65 -19.64 25.71
N SER A 330 6.58 -19.70 24.77
CA SER A 330 7.91 -19.17 25.04
C SER A 330 7.90 -17.65 24.95
N PHE A 331 8.88 -17.03 25.62
CA PHE A 331 8.92 -15.58 25.66
C PHE A 331 9.31 -15.00 24.31
N ASN A 332 10.35 -15.55 23.67
CA ASN A 332 10.77 -15.14 22.34
C ASN A 332 10.29 -16.18 21.34
N TYR A 333 9.18 -15.88 20.66
CA TYR A 333 8.68 -16.84 19.69
C TYR A 333 9.26 -16.56 18.31
N PRO A 334 9.79 -17.57 17.61
CA PRO A 334 10.40 -17.33 16.30
C PRO A 334 9.40 -16.91 15.22
N TRP A 335 8.99 -15.65 15.26
CA TRP A 335 8.05 -15.13 14.27
C TRP A 335 8.69 -14.84 12.91
N LYS A 336 10.01 -14.75 12.85
CA LYS A 336 10.71 -14.47 11.60
C LYS A 336 10.73 -15.67 10.65
N ASN A 337 10.66 -16.89 11.19
CA ASN A 337 10.67 -18.06 10.30
C ASN A 337 9.39 -18.18 9.50
N TYR A 338 8.32 -17.52 9.96
CA TYR A 338 7.08 -17.50 9.19
C TYR A 338 7.24 -16.61 7.97
N VAL A 339 7.96 -15.50 8.13
CA VAL A 339 8.23 -14.62 7.00
C VAL A 339 9.23 -15.25 6.04
N LYS A 340 10.16 -16.06 6.57
CA LYS A 340 11.10 -16.73 5.69
C LYS A 340 10.41 -17.78 4.83
N LEU A 341 9.42 -18.47 5.41
CA LEU A 341 8.67 -19.44 4.61
C LEU A 341 7.75 -18.74 3.62
N SER A 342 7.16 -17.59 4.01
CA SER A 342 6.35 -16.85 3.07
C SER A 342 7.18 -16.32 1.91
N GLY A 343 8.46 -15.99 2.14
CA GLY A 343 9.29 -15.52 1.05
C GLY A 343 9.67 -16.64 0.10
N ALA A 344 9.94 -17.83 0.64
CA ALA A 344 10.18 -18.97 -0.24
C ALA A 344 8.94 -19.26 -1.08
N LEU A 345 7.75 -19.09 -0.50
CA LEU A 345 6.54 -19.34 -1.28
C LEU A 345 6.29 -18.26 -2.32
N LYS A 346 6.71 -17.02 -2.06
CA LYS A 346 6.56 -15.98 -3.08
C LYS A 346 7.49 -16.24 -4.26
N HIS A 347 8.70 -16.71 -3.95
CA HIS A 347 9.62 -17.09 -5.03
C HIS A 347 9.04 -18.21 -5.86
N CYS A 348 8.35 -19.16 -5.22
CA CYS A 348 7.70 -20.20 -6.01
C CYS A 348 6.51 -19.68 -6.80
N ALA A 349 5.76 -18.70 -6.28
CA ALA A 349 4.58 -18.16 -6.95
C ALA A 349 4.90 -17.26 -8.13
N PHE A 350 6.15 -16.81 -8.28
CA PHE A 350 6.43 -15.99 -9.46
C PHE A 350 6.37 -16.80 -10.77
N THR A 351 6.77 -18.07 -10.73
CA THR A 351 6.62 -18.90 -11.92
C THR A 351 5.15 -19.15 -12.25
N VAL A 352 4.29 -19.18 -11.24
CA VAL A 352 2.86 -19.36 -11.49
C VAL A 352 2.29 -18.09 -12.13
N MET A 353 2.80 -16.93 -11.72
CA MET A 353 2.38 -15.70 -12.40
C MET A 353 2.84 -15.68 -13.85
N ALA A 354 4.01 -16.26 -14.13
CA ALA A 354 4.46 -16.28 -15.53
C ALA A 354 3.71 -17.32 -16.36
N LEU A 355 3.21 -18.38 -15.72
CA LEU A 355 2.39 -19.33 -16.45
C LEU A 355 1.00 -18.77 -16.70
N HIS A 356 0.49 -17.95 -15.78
CA HIS A 356 -0.76 -17.25 -16.07
C HIS A 356 -0.56 -16.26 -17.20
N GLY A 357 0.59 -15.58 -17.25
CA GLY A 357 0.87 -14.67 -18.34
C GLY A 357 1.01 -15.37 -19.69
N CYS A 358 1.44 -16.63 -19.69
CA CYS A 358 1.52 -17.36 -20.96
C CYS A 358 0.15 -17.57 -21.61
N ILE A 359 -0.94 -17.50 -20.85
CA ILE A 359 -2.27 -17.70 -21.42
C ILE A 359 -2.86 -16.43 -22.04
N LEU A 360 -2.29 -15.27 -21.74
CA LEU A 360 -2.80 -13.99 -22.24
C LEU A 360 -1.88 -13.36 -23.27
N SER A 361 -1.14 -14.19 -24.02
CA SER A 361 -0.18 -13.70 -24.99
C SER A 361 -0.81 -13.58 -26.37
N GLU A 362 -0.19 -12.74 -27.21
CA GLU A 362 -0.71 -12.51 -28.56
C GLU A 362 -0.40 -13.68 -29.48
N ILE A 363 0.74 -14.33 -29.30
CA ILE A 363 1.13 -15.50 -30.07
C ILE A 363 0.73 -16.75 -29.31
N GLN A 364 -0.07 -17.61 -29.93
CA GLN A 364 -0.56 -18.84 -29.31
C GLN A 364 -0.33 -20.00 -30.27
N ALA A 365 -0.33 -21.22 -29.71
CA ALA A 365 -0.02 -22.40 -30.49
C ALA A 365 -1.29 -23.06 -31.01
N PRO A 366 -1.19 -23.80 -32.12
CA PRO A 366 -2.34 -24.54 -32.64
C PRO A 366 -2.91 -25.49 -31.60
N GLU A 367 -4.24 -25.56 -31.54
CA GLU A 367 -4.91 -26.36 -30.52
C GLU A 367 -4.61 -27.85 -30.70
N GLU A 368 -4.53 -28.31 -31.95
CA GLU A 368 -4.31 -29.74 -32.18
C GLU A 368 -2.95 -30.21 -31.70
N ARG A 369 -1.97 -29.32 -31.56
CA ARG A 369 -0.64 -29.71 -31.10
C ARG A 369 -0.51 -29.70 -29.58
N ARG A 370 -1.40 -29.01 -28.88
CA ARG A 370 -1.36 -28.98 -27.42
C ARG A 370 -1.95 -30.22 -26.78
N GLN A 371 -2.62 -31.08 -27.55
CA GLN A 371 -3.28 -32.26 -27.01
C GLN A 371 -2.38 -33.48 -27.00
N VAL A 372 -1.11 -33.34 -27.39
CA VAL A 372 -0.17 -34.46 -27.35
C VAL A 372 0.51 -34.64 -26.00
N PHE A 373 0.55 -33.59 -25.17
CA PHE A 373 1.23 -33.63 -23.87
C PHE A 373 0.26 -33.46 -22.71
N ARG A 374 -1.03 -33.61 -22.93
CA ARG A 374 -2.03 -33.31 -21.90
C ARG A 374 -1.82 -34.13 -20.62
N GLN A 375 -1.58 -35.43 -20.75
CA GLN A 375 -1.46 -36.28 -19.57
C GLN A 375 -0.26 -35.89 -18.72
N GLU A 376 0.90 -35.72 -19.36
CA GLU A 376 2.11 -35.35 -18.63
C GLU A 376 1.97 -33.98 -17.99
N LEU A 377 1.31 -33.05 -18.67
CA LEU A 377 1.12 -31.72 -18.11
C LEU A 377 0.18 -31.75 -16.91
N GLN A 378 -0.86 -32.59 -16.97
CA GLN A 378 -1.83 -32.64 -15.88
C GLN A 378 -1.28 -33.36 -14.65
N ARG A 379 -0.37 -34.32 -14.85
CA ARG A 379 0.19 -35.03 -13.71
C ARG A 379 1.02 -34.10 -12.83
N VAL A 380 1.81 -33.23 -13.44
CA VAL A 380 2.64 -32.29 -12.68
C VAL A 380 1.77 -31.36 -11.85
N GLY A 381 0.66 -30.89 -12.43
CA GLY A 381 -0.24 -30.02 -11.69
C GLY A 381 -0.88 -30.73 -10.51
N VAL A 382 -1.37 -31.95 -10.73
CA VAL A 382 -2.00 -32.69 -9.65
C VAL A 382 -1.01 -32.91 -8.50
N GLU A 383 0.22 -33.30 -8.84
CA GLU A 383 1.19 -33.59 -7.78
C GLU A 383 1.63 -32.32 -7.05
N GLY A 384 1.76 -31.20 -7.78
CA GLY A 384 2.14 -29.96 -7.11
C GLY A 384 1.06 -29.45 -6.18
N ALA A 385 -0.20 -29.58 -6.60
CA ALA A 385 -1.29 -29.14 -5.74
C ALA A 385 -1.39 -30.01 -4.50
N LYS A 386 -1.19 -31.33 -4.67
CA LYS A 386 -1.22 -32.21 -3.50
C LYS A 386 -0.11 -31.86 -2.52
N LEU A 387 1.10 -31.57 -3.03
CA LEU A 387 2.20 -31.25 -2.14
C LEU A 387 1.96 -29.93 -1.40
N LEU A 388 1.47 -28.92 -2.11
CA LEU A 388 1.24 -27.64 -1.43
C LEU A 388 0.11 -27.75 -0.40
N ARG A 389 -0.89 -28.59 -0.66
CA ARG A 389 -1.97 -28.71 0.30
C ARG A 389 -1.54 -29.53 1.52
N GLU A 390 -0.62 -30.49 1.33
CA GLU A 390 -0.14 -31.23 2.49
C GLU A 390 0.79 -30.37 3.34
N LEU A 391 1.54 -29.47 2.71
CA LEU A 391 2.37 -28.56 3.50
C LEU A 391 1.51 -27.55 4.25
N GLY A 392 0.40 -27.11 3.65
CA GLY A 392 -0.49 -26.21 4.37
C GLY A 392 -1.16 -26.90 5.54
N GLU A 393 -1.57 -28.16 5.36
CA GLU A 393 -2.18 -28.89 6.46
C GLU A 393 -1.18 -29.17 7.57
N LYS A 394 0.09 -29.42 7.25
CA LYS A 394 1.07 -29.63 8.29
C LYS A 394 1.44 -28.34 9.02
N VAL A 395 1.40 -27.20 8.33
CA VAL A 395 1.67 -25.94 9.00
C VAL A 395 0.52 -25.58 9.94
N LYS A 396 -0.73 -25.82 9.51
CA LYS A 396 -1.87 -25.44 10.35
C LYS A 396 -1.91 -26.23 11.65
N LYS A 397 -1.71 -27.56 11.58
CA LYS A 397 -1.74 -28.39 12.76
C LYS A 397 -0.48 -28.32 13.61
N MET A 398 0.58 -27.66 13.14
CA MET A 398 1.85 -27.59 13.87
C MET A 398 2.40 -29.00 14.12
N GLU A 399 2.72 -29.68 13.01
CA GLU A 399 3.20 -31.05 13.03
C GLU A 399 4.44 -31.18 12.15
N LYS A 400 5.32 -32.09 12.54
CA LYS A 400 6.55 -32.32 11.80
C LYS A 400 6.30 -33.26 10.62
N LEU A 401 7.32 -33.39 9.77
CA LEU A 401 7.26 -34.25 8.59
C LEU A 401 7.64 -35.68 8.97
N GLY A 402 7.01 -36.64 8.30
CA GLY A 402 7.24 -38.03 8.58
C GLY A 402 8.50 -38.59 7.96
N PRO A 403 8.59 -39.92 7.89
CA PRO A 403 9.81 -40.56 7.37
C PRO A 403 9.96 -40.51 5.85
N VAL A 404 8.85 -40.63 5.12
CA VAL A 404 8.90 -40.72 3.66
C VAL A 404 9.28 -39.37 3.04
N ASP A 405 9.57 -39.39 1.75
CA ASP A 405 9.96 -38.20 0.99
C ASP A 405 8.75 -37.65 0.26
N LEU A 406 8.53 -36.34 0.38
CA LEU A 406 7.36 -35.68 -0.19
C LEU A 406 7.55 -35.23 -1.63
N LEU A 407 8.75 -35.34 -2.20
CA LEU A 407 9.02 -34.85 -3.55
C LEU A 407 9.39 -35.97 -4.52
N PHE A 408 8.84 -37.17 -4.31
CA PHE A 408 9.17 -38.29 -5.19
C PHE A 408 8.24 -38.38 -6.40
N GLU A 409 6.93 -38.24 -6.18
CA GLU A 409 5.98 -38.33 -7.28
C GLU A 409 6.09 -37.15 -8.23
N VAL A 410 6.32 -35.94 -7.70
CA VAL A 410 6.43 -34.78 -8.58
C VAL A 410 7.70 -34.87 -9.42
N HIS A 411 8.78 -35.36 -8.83
CA HIS A 411 10.02 -35.53 -9.60
C HIS A 411 9.85 -36.58 -10.69
N LEU A 412 9.20 -37.69 -10.36
CA LEU A 412 8.94 -38.71 -11.39
C LEU A 412 8.07 -38.15 -12.50
N ALA A 413 7.06 -37.36 -12.14
CA ALA A 413 6.18 -36.76 -13.15
C ALA A 413 6.96 -35.82 -14.07
N ALA A 414 7.85 -35.01 -13.50
CA ALA A 414 8.59 -34.07 -14.33
C ALA A 414 9.61 -34.79 -15.21
N GLU A 415 10.15 -35.92 -14.75
CA GLU A 415 11.07 -36.66 -15.59
C GLU A 415 10.33 -37.35 -16.74
N GLU A 416 9.11 -37.82 -16.48
CA GLU A 416 8.30 -38.37 -17.56
C GLU A 416 7.93 -37.29 -18.56
N LEU A 417 7.62 -36.09 -18.08
CA LEU A 417 7.35 -34.97 -18.98
C LEU A 417 8.55 -34.68 -19.88
N GLN A 418 9.75 -34.61 -19.29
CA GLN A 418 10.94 -34.35 -20.09
C GLN A 418 11.16 -35.46 -21.13
N HIS A 419 10.96 -36.72 -20.74
CA HIS A 419 11.10 -37.81 -21.71
C HIS A 419 10.10 -37.67 -22.85
N LYS A 420 8.85 -37.33 -22.52
CA LYS A 420 7.85 -37.17 -23.58
C LYS A 420 8.21 -36.03 -24.51
N ILE A 421 8.71 -34.92 -23.97
CA ILE A 421 9.09 -33.79 -24.82
C ILE A 421 10.24 -34.18 -25.73
N ASP A 422 11.19 -34.95 -25.20
CA ASP A 422 12.32 -35.39 -26.01
C ASP A 422 11.87 -36.32 -27.13
N LYS A 423 10.86 -37.16 -26.88
CA LYS A 423 10.40 -38.07 -27.91
C LYS A 423 9.71 -37.35 -29.06
N LYS A 424 8.99 -36.26 -28.79
CA LYS A 424 8.23 -35.56 -29.82
C LYS A 424 8.62 -34.09 -29.92
N SER A 425 9.88 -33.81 -30.16
CA SER A 425 10.37 -32.44 -30.24
C SER A 425 10.40 -31.88 -31.66
N TYR A 426 10.00 -32.67 -32.66
CA TYR A 426 9.98 -32.18 -34.03
C TYR A 426 8.76 -31.32 -34.32
N LEU A 427 7.87 -31.12 -33.35
CA LEU A 427 6.68 -30.32 -33.50
C LEU A 427 6.88 -28.87 -33.07
N LEU A 428 8.08 -28.52 -32.59
CA LEU A 428 8.35 -27.18 -32.10
C LEU A 428 9.32 -26.39 -32.98
N VAL A 429 10.07 -27.07 -33.85
CA VAL A 429 11.05 -26.42 -34.71
C VAL A 429 10.75 -26.80 -36.16
N ASN A 430 11.55 -26.24 -37.07
CA ASN A 430 11.45 -26.53 -38.50
C ASN A 430 12.78 -27.10 -38.98
N SER A 431 12.79 -28.39 -39.31
CA SER A 431 14.02 -29.05 -39.72
C SER A 431 14.40 -28.75 -41.16
N GLU A 432 13.46 -28.31 -41.98
CA GLU A 432 13.77 -28.02 -43.38
C GLU A 432 14.81 -26.93 -43.51
N CYS A 433 14.74 -25.92 -42.65
CA CYS A 433 15.65 -24.78 -42.73
C CYS A 433 17.00 -25.02 -42.07
N TRP A 434 17.20 -26.18 -41.45
CA TRP A 434 18.44 -26.44 -40.73
C TRP A 434 19.63 -26.28 -41.67
N GLU A 435 20.64 -25.54 -41.22
CA GLU A 435 21.84 -25.32 -42.00
C GLU A 435 23.09 -25.53 -41.15
N LYS A 527 7.05 -18.74 -42.33
CA LYS A 527 6.36 -17.61 -41.72
C LYS A 527 6.86 -17.38 -40.29
N THR A 528 6.94 -16.12 -39.89
CA THR A 528 7.37 -15.79 -38.53
C THR A 528 6.32 -16.24 -37.50
N TYR A 529 5.05 -15.95 -37.77
CA TYR A 529 4.00 -16.28 -36.81
C TYR A 529 3.92 -17.79 -36.57
N GLU A 530 3.99 -18.58 -37.63
CA GLU A 530 3.93 -20.03 -37.49
C GLU A 530 5.05 -20.55 -36.59
N SER A 531 6.28 -20.09 -36.84
CA SER A 531 7.41 -20.55 -36.05
C SER A 531 7.29 -20.10 -34.60
N ALA A 532 6.82 -18.88 -34.36
CA ALA A 532 6.68 -18.42 -32.98
C ALA A 532 5.58 -19.19 -32.27
N SER A 533 4.51 -19.54 -32.99
CA SER A 533 3.42 -20.29 -32.37
C SER A 533 3.88 -21.70 -32.03
N ALA A 534 4.74 -22.28 -32.86
CA ALA A 534 5.29 -23.59 -32.54
C ALA A 534 6.24 -23.53 -31.35
N LEU A 535 7.07 -22.47 -31.29
CA LEU A 535 8.01 -22.30 -30.20
C LEU A 535 7.36 -21.84 -28.90
N SER A 536 6.07 -21.50 -28.91
CA SER A 536 5.40 -21.05 -27.70
C SER A 536 5.10 -22.16 -26.70
N LEU A 537 4.92 -23.40 -27.15
CA LEU A 537 4.64 -24.51 -26.24
C LEU A 537 5.84 -24.83 -25.34
N ALA A 538 7.04 -24.78 -25.91
CA ALA A 538 8.24 -25.07 -25.13
C ALA A 538 8.38 -24.11 -23.96
N THR A 539 7.88 -22.88 -24.08
CA THR A 539 7.96 -21.94 -22.96
C THR A 539 7.09 -22.41 -21.79
N PHE A 540 5.86 -22.83 -22.09
CA PHE A 540 4.99 -23.37 -21.05
C PHE A 540 5.62 -24.58 -20.37
N ALA A 541 6.19 -25.49 -21.16
CA ALA A 541 6.80 -26.68 -20.56
C ALA A 541 8.01 -26.33 -19.70
N SER A 542 8.87 -25.42 -20.18
CA SER A 542 10.04 -25.03 -19.41
C SER A 542 9.65 -24.31 -18.14
N LEU A 543 8.57 -23.54 -18.16
CA LEU A 543 8.16 -22.82 -16.95
C LEU A 543 7.59 -23.80 -15.93
N LEU A 544 6.87 -24.83 -16.40
CA LEU A 544 6.39 -25.85 -15.48
C LEU A 544 7.56 -26.62 -14.83
N ILE A 545 8.60 -26.90 -15.61
CA ILE A 545 9.74 -27.61 -15.04
C ILE A 545 10.50 -26.72 -14.04
N GLU A 546 10.58 -25.42 -14.31
CA GLU A 546 11.22 -24.52 -13.34
C GLU A 546 10.39 -24.44 -12.06
N PHE A 547 9.06 -24.45 -12.19
CA PHE A 547 8.22 -24.43 -11.00
C PHE A 547 8.44 -25.69 -10.17
N VAL A 548 8.65 -26.82 -10.83
CA VAL A 548 8.85 -28.04 -10.05
C VAL A 548 10.24 -28.06 -9.45
N ALA A 549 11.20 -27.38 -10.07
CA ALA A 549 12.56 -27.31 -9.53
C ALA A 549 12.70 -26.32 -8.38
N ARG A 550 11.72 -25.43 -8.17
CA ARG A 550 11.82 -24.44 -7.09
C ARG A 550 11.19 -24.85 -5.75
N LEU A 551 10.76 -26.10 -5.57
CA LEU A 551 10.06 -26.49 -4.34
C LEU A 551 10.97 -27.01 -3.22
N GLN A 552 12.22 -27.36 -3.53
CA GLN A 552 13.11 -27.87 -2.50
C GLN A 552 13.45 -26.81 -1.46
N ASN A 553 13.56 -25.54 -1.87
CA ASN A 553 13.84 -24.48 -0.91
C ASN A 553 12.66 -24.25 0.03
N VAL A 554 11.44 -24.48 -0.45
CA VAL A 554 10.29 -24.32 0.42
C VAL A 554 10.23 -25.47 1.43
N VAL A 555 10.60 -26.67 0.99
CA VAL A 555 10.63 -27.77 1.96
C VAL A 555 11.73 -27.56 2.99
N ASP A 556 12.85 -26.95 2.58
CA ASP A 556 13.92 -26.66 3.53
C ASP A 556 13.49 -25.61 4.54
N ALA A 557 12.81 -24.55 4.08
CA ALA A 557 12.35 -23.54 5.02
C ALA A 557 11.30 -24.10 5.97
N PHE A 558 10.46 -25.04 5.50
CA PHE A 558 9.50 -25.63 6.41
C PHE A 558 10.20 -26.48 7.47
N LYS A 559 11.25 -27.21 7.07
CA LYS A 559 11.99 -27.98 8.07
C LYS A 559 12.62 -27.07 9.11
N GLU A 560 13.15 -25.92 8.67
CA GLU A 560 13.75 -24.99 9.62
C GLU A 560 12.71 -24.42 10.58
N LEU A 561 11.50 -24.12 10.09
CA LEU A 561 10.47 -23.61 10.99
C LEU A 561 9.97 -24.70 11.93
N SER A 562 9.84 -25.93 11.44
CA SER A 562 9.38 -27.02 12.32
C SER A 562 10.45 -27.39 13.33
N GLN A 563 11.68 -26.97 13.13
CA GLN A 563 12.74 -27.26 14.09
C GLN A 563 12.89 -26.15 15.12
N LYS A 564 12.83 -24.88 14.70
CA LYS A 564 13.00 -23.79 15.66
C LYS A 564 11.77 -23.56 16.53
N ALA A 565 10.57 -23.95 16.09
CA ALA A 565 9.34 -23.70 16.83
C ALA A 565 8.92 -24.89 17.69
N ASN A 566 9.73 -25.95 17.74
CA ASN A 566 9.45 -27.12 18.57
C ASN A 566 8.11 -27.75 18.23
N PHE A 567 7.89 -28.03 16.95
CA PHE A 567 6.70 -28.73 16.53
C PHE A 567 6.69 -30.16 17.08
N LYS A 568 5.51 -30.76 17.13
CA LYS A 568 5.34 -32.09 17.70
C LYS A 568 5.58 -33.17 16.65
N GLU A 569 5.98 -34.35 17.13
CA GLU A 569 6.22 -35.47 16.25
C GLU A 569 4.91 -35.95 15.61
N PRO A 570 4.92 -36.26 14.32
CA PRO A 570 3.68 -36.66 13.64
C PRO A 570 3.01 -37.83 14.35
N GLU A 571 1.69 -37.76 14.46
CA GLU A 571 0.88 -38.76 15.15
C GLU A 571 1.44 -40.18 15.03
N ALA B 77 18.76 13.83 5.39
CA ALA B 77 18.42 15.16 5.86
C ALA B 77 18.84 16.22 4.84
N TRP B 78 20.05 16.76 5.02
CA TRP B 78 20.56 17.76 4.09
C TRP B 78 20.56 17.24 2.65
N GLU B 79 20.90 15.96 2.47
CA GLU B 79 20.92 15.40 1.11
C GLU B 79 19.54 15.43 0.49
N MET B 80 18.52 14.96 1.22
CA MET B 80 17.16 14.97 0.69
C MET B 80 16.66 16.38 0.46
N GLY B 81 17.09 17.33 1.30
CA GLY B 81 16.67 18.71 1.11
C GLY B 81 17.27 19.32 -0.15
N VAL B 82 18.58 19.10 -0.36
CA VAL B 82 19.23 19.63 -1.54
C VAL B 82 18.67 18.98 -2.80
N SER B 83 18.40 17.67 -2.73
CA SER B 83 17.81 17.00 -3.89
C SER B 83 16.36 17.41 -4.08
N ASP B 84 15.60 17.54 -2.99
CA ASP B 84 14.18 17.88 -3.06
C ASP B 84 13.93 19.21 -2.36
N PRO B 85 13.88 20.32 -3.10
CA PRO B 85 13.57 21.61 -2.47
C PRO B 85 12.10 21.83 -2.18
N ARG B 86 11.21 20.97 -2.69
CA ARG B 86 9.78 21.12 -2.42
C ARG B 86 9.46 20.83 -0.96
N LYS B 87 10.11 19.82 -0.37
CA LYS B 87 9.88 19.49 1.03
C LYS B 87 10.21 20.66 1.95
N ILE B 88 11.27 21.39 1.64
CA ILE B 88 11.65 22.54 2.47
C ILE B 88 10.59 23.64 2.34
N VAL B 89 10.04 23.82 1.15
CA VAL B 89 9.00 24.82 0.95
C VAL B 89 7.76 24.46 1.75
N PHE B 90 7.33 23.20 1.66
CA PHE B 90 6.16 22.76 2.41
C PHE B 90 6.36 22.96 3.91
N SER B 91 7.54 22.60 4.43
CA SER B 91 7.79 22.72 5.86
C SER B 91 7.86 24.18 6.31
N ALA B 92 8.37 25.07 5.46
CA ALA B 92 8.38 26.47 5.85
C ALA B 92 7.01 27.11 5.66
N LYS B 93 6.16 26.52 4.83
CA LYS B 93 4.80 27.02 4.71
C LYS B 93 3.99 26.69 5.94
N ILE B 94 4.19 25.48 6.47
CA ILE B 94 3.49 25.12 7.71
C ILE B 94 4.03 25.92 8.88
N GLY B 95 5.36 26.13 8.92
CA GLY B 95 5.91 26.99 9.95
C GLY B 95 5.35 28.40 9.91
N LEU B 96 5.19 28.95 8.71
CA LEU B 96 4.65 30.31 8.58
C LEU B 96 3.19 30.35 9.02
N ALA B 97 2.40 29.34 8.67
CA ALA B 97 1.01 29.33 9.08
C ALA B 97 0.87 29.26 10.59
N LEU B 98 1.71 28.44 11.24
CA LEU B 98 1.67 28.37 12.69
C LEU B 98 2.10 29.69 13.32
N THR B 99 3.13 30.33 12.76
CA THR B 99 3.59 31.58 13.35
C THR B 99 2.60 32.71 13.13
N ILE B 100 1.74 32.61 12.12
CA ILE B 100 0.72 33.63 11.91
C ILE B 100 -0.44 33.43 12.88
N VAL B 101 -0.91 32.19 13.01
CA VAL B 101 -1.93 31.91 14.01
C VAL B 101 -1.44 32.34 15.40
N ALA B 102 -0.16 32.13 15.69
CA ALA B 102 0.39 32.58 16.97
C ALA B 102 0.39 34.10 17.10
N LEU B 103 0.81 34.81 16.05
CA LEU B 103 0.83 36.26 16.12
C LEU B 103 -0.56 36.82 16.35
N LEU B 104 -1.57 36.28 15.65
CA LEU B 104 -2.91 36.83 15.83
C LEU B 104 -3.50 36.56 17.20
N ILE B 105 -2.75 35.94 18.12
CA ILE B 105 -3.26 35.62 19.44
C ILE B 105 -2.39 36.27 20.50
N PHE B 106 -1.10 36.47 20.19
CA PHE B 106 -0.21 37.12 21.14
C PHE B 106 -0.44 38.63 21.24
N TYR B 107 -1.10 39.24 20.26
CA TYR B 107 -1.27 40.68 20.22
C TYR B 107 -2.61 41.15 20.74
N GLN B 108 -3.46 40.25 21.22
CA GLN B 108 -4.71 40.63 21.87
C GLN B 108 -4.47 40.84 23.35
N GLU B 109 -5.27 41.74 23.94
CA GLU B 109 -5.09 42.10 25.34
C GLU B 109 -5.03 40.84 26.20
N PRO B 110 -4.08 40.74 27.13
CA PRO B 110 -3.96 39.52 27.94
C PRO B 110 -5.27 39.14 28.62
N ASN B 111 -5.76 37.93 28.36
CA ASN B 111 -7.00 37.45 28.97
C ASN B 111 -6.82 36.01 29.42
N PRO B 112 -7.33 35.66 30.60
CA PRO B 112 -7.25 34.25 31.03
C PRO B 112 -8.17 33.33 30.23
N ASP B 113 -9.35 33.81 29.85
CA ASP B 113 -10.33 32.97 29.16
C ASP B 113 -10.10 32.89 27.65
N LEU B 114 -9.20 33.70 27.10
CA LEU B 114 -8.89 33.58 25.68
C LEU B 114 -7.82 32.53 25.41
N SER B 115 -6.80 32.44 26.28
CA SER B 115 -5.73 31.49 26.07
C SER B 115 -6.24 30.04 26.08
N ARG B 116 -7.31 29.78 26.82
CA ARG B 116 -7.81 28.41 26.93
C ARG B 116 -8.38 27.90 25.62
N TYR B 117 -9.03 28.77 24.85
CA TYR B 117 -9.58 28.38 23.56
C TYR B 117 -8.54 28.29 22.45
N SER B 118 -7.35 28.85 22.65
CA SER B 118 -6.37 28.95 21.57
C SER B 118 -6.02 27.60 20.96
N VAL B 119 -6.10 26.52 21.74
CA VAL B 119 -5.65 25.21 21.25
C VAL B 119 -6.40 24.75 20.00
N TRP B 120 -7.62 25.26 19.77
CA TRP B 120 -8.42 24.75 18.66
C TRP B 120 -7.92 25.27 17.32
N ALA B 121 -7.37 26.49 17.29
CA ALA B 121 -6.82 27.00 16.05
C ALA B 121 -5.53 26.27 15.67
N ILE B 122 -4.72 25.94 16.68
CA ILE B 122 -3.52 25.16 16.42
C ILE B 122 -3.89 23.78 15.90
N LEU B 123 -4.91 23.17 16.49
CA LEU B 123 -5.31 21.84 16.03
C LEU B 123 -5.83 21.88 14.60
N THR B 124 -6.65 22.87 14.27
CA THR B 124 -7.15 23.01 12.90
C THR B 124 -6.00 23.22 11.92
N VAL B 125 -5.08 24.14 12.25
CA VAL B 125 -3.94 24.40 11.36
C VAL B 125 -3.08 23.16 11.16
N VAL B 126 -2.98 22.30 12.19
CA VAL B 126 -2.14 21.12 12.07
C VAL B 126 -2.88 19.93 11.47
N VAL B 127 -4.20 20.01 11.31
CA VAL B 127 -4.96 18.90 10.76
C VAL B 127 -5.40 19.13 9.32
N VAL B 128 -5.67 20.38 8.90
CA VAL B 128 -6.23 20.62 7.57
C VAL B 128 -5.18 20.87 6.49
N PHE B 129 -3.89 20.87 6.83
CA PHE B 129 -2.84 21.21 5.89
C PHE B 129 -2.38 19.95 5.16
N GLU B 130 -2.64 19.88 3.86
CA GLU B 130 -2.24 18.76 3.02
C GLU B 130 -1.17 19.17 2.02
N PHE B 131 -0.63 18.16 1.31
CA PHE B 131 0.46 18.37 0.36
C PHE B 131 0.00 19.02 -0.94
N THR B 132 -1.23 18.73 -1.38
CA THR B 132 -1.76 19.24 -2.63
C THR B 132 -3.02 20.06 -2.37
N ILE B 133 -3.40 20.88 -3.35
CA ILE B 133 -4.59 21.71 -3.21
C ILE B 133 -5.86 20.90 -3.37
N GLY B 134 -5.85 19.92 -4.28
CA GLY B 134 -7.03 19.09 -4.46
C GLY B 134 -7.31 18.19 -3.26
N ALA B 135 -6.24 17.71 -2.64
CA ALA B 135 -6.40 16.89 -1.44
C ALA B 135 -7.00 17.73 -0.34
N THR B 136 -6.47 18.93 -0.14
CA THR B 136 -6.97 19.81 0.91
C THR B 136 -8.45 20.14 0.69
N LEU B 137 -8.83 20.44 -0.55
CA LEU B 137 -10.23 20.80 -0.80
C LEU B 137 -11.16 19.60 -0.60
N SER B 138 -10.77 18.42 -1.07
CA SER B 138 -11.62 17.25 -0.94
C SER B 138 -11.78 16.84 0.51
N LYS B 139 -10.67 16.84 1.28
CA LYS B 139 -10.77 16.44 2.67
C LYS B 139 -11.50 17.48 3.51
N GLY B 140 -11.39 18.76 3.17
CA GLY B 140 -12.17 19.76 3.89
C GLY B 140 -13.65 19.61 3.62
N PHE B 141 -14.01 19.30 2.38
CA PHE B 141 -15.42 19.05 2.07
C PHE B 141 -15.95 17.87 2.87
N ASN B 142 -15.18 16.78 2.92
CA ASN B 142 -15.65 15.60 3.65
C ASN B 142 -15.77 15.88 5.14
N ARG B 143 -14.79 16.55 5.73
CA ARG B 143 -14.86 16.87 7.15
C ARG B 143 -16.01 17.83 7.48
N ALA B 144 -16.39 18.69 6.53
CA ALA B 144 -17.52 19.57 6.81
C ALA B 144 -18.84 18.84 6.71
N LEU B 145 -18.95 17.88 5.78
CA LEU B 145 -20.17 17.10 5.72
C LEU B 145 -20.31 16.24 6.96
N GLY B 146 -19.21 15.66 7.42
CA GLY B 146 -19.23 14.90 8.65
C GLY B 146 -19.70 15.71 9.84
N THR B 147 -19.02 16.82 10.11
CA THR B 147 -19.37 17.66 11.26
C THR B 147 -20.81 18.16 11.19
N LEU B 148 -21.33 18.44 9.99
CA LEU B 148 -22.70 18.94 9.94
C LEU B 148 -23.73 17.84 10.08
N SER B 149 -23.47 16.63 9.54
CA SER B 149 -24.43 15.56 9.76
C SER B 149 -24.42 15.12 11.22
N ALA B 150 -23.28 15.27 11.89
CA ALA B 150 -23.22 14.92 13.30
C ALA B 150 -24.01 15.91 14.13
N GLY B 151 -23.74 17.21 13.97
CA GLY B 151 -24.52 18.19 14.70
C GLY B 151 -26.00 18.15 14.37
N GLY B 152 -26.35 17.66 13.19
CA GLY B 152 -27.75 17.54 12.81
C GLY B 152 -28.43 16.39 13.49
N LEU B 153 -27.84 15.19 13.46
CA LEU B 153 -28.44 14.08 14.20
C LEU B 153 -28.50 14.40 15.69
N ALA B 154 -27.48 15.07 16.23
CA ALA B 154 -27.49 15.39 17.64
C ALA B 154 -28.67 16.30 17.99
N LEU B 155 -28.87 17.37 17.22
CA LEU B 155 -30.00 18.24 17.48
C LEU B 155 -31.33 17.57 17.17
N GLY B 156 -31.35 16.58 16.28
CA GLY B 156 -32.55 15.84 15.97
C GLY B 156 -32.82 14.67 16.87
N MET B 157 -31.99 14.48 17.88
CA MET B 157 -32.15 13.39 18.84
C MET B 157 -32.31 13.89 20.27
N ALA B 158 -31.61 14.96 20.65
CA ALA B 158 -31.78 15.46 22.01
C ALA B 158 -33.23 15.89 22.26
N GLU B 159 -33.95 16.29 21.19
CA GLU B 159 -35.35 16.64 21.35
C GLU B 159 -36.17 15.41 21.72
N LEU B 160 -35.97 14.30 21.00
CA LEU B 160 -36.64 13.07 21.41
C LEU B 160 -36.26 12.71 22.83
N SER B 161 -35.03 13.06 23.23
CA SER B 161 -34.58 12.75 24.58
C SER B 161 -35.44 13.47 25.61
N THR B 162 -35.66 14.77 25.41
CA THR B 162 -36.41 15.56 26.37
C THR B 162 -37.79 14.96 26.65
N LEU B 163 -38.42 14.39 25.62
CA LEU B 163 -39.74 13.80 25.77
C LEU B 163 -39.76 12.70 26.82
N PHE B 164 -38.67 11.93 26.94
CA PHE B 164 -38.66 10.81 27.86
C PHE B 164 -38.95 11.25 29.30
N GLY B 165 -38.36 12.35 29.74
CA GLY B 165 -38.60 12.86 31.08
C GLY B 165 -37.49 12.49 32.04
N ASP B 166 -37.86 11.88 33.17
CA ASP B 166 -36.88 11.54 34.19
C ASP B 166 -35.80 10.62 33.64
N TRP B 167 -36.19 9.57 32.93
CA TRP B 167 -35.22 8.63 32.35
C TRP B 167 -34.61 9.22 31.08
N GLU B 168 -33.96 10.36 31.26
CA GLU B 168 -33.32 11.08 30.17
C GLU B 168 -31.90 10.61 29.92
N GLU B 169 -31.11 10.46 30.98
CA GLU B 169 -29.72 10.03 30.83
C GLU B 169 -29.64 8.63 30.22
N ILE B 170 -30.57 7.75 30.58
CA ILE B 170 -30.56 6.40 30.03
C ILE B 170 -30.73 6.43 28.51
N PHE B 171 -31.62 7.29 28.02
CA PHE B 171 -31.80 7.40 26.58
C PHE B 171 -30.53 7.85 25.88
N CYS B 172 -29.85 8.85 26.45
CA CYS B 172 -28.62 9.35 25.85
C CYS B 172 -27.56 8.26 25.83
N THR B 173 -27.33 7.62 26.97
CA THR B 173 -26.33 6.56 27.05
C THR B 173 -26.69 5.39 26.14
N LEU B 174 -27.97 5.19 25.84
CA LEU B 174 -28.37 4.11 24.96
C LEU B 174 -28.30 4.49 23.49
N SER B 175 -28.25 5.79 23.19
CA SER B 175 -28.08 6.23 21.81
C SER B 175 -26.62 6.36 21.43
N ILE B 176 -25.77 6.72 22.40
CA ILE B 176 -24.34 6.79 22.15
C ILE B 176 -23.78 5.42 21.79
N PHE B 177 -24.31 4.35 22.39
CA PHE B 177 -23.85 3.01 22.07
C PHE B 177 -24.18 2.63 20.63
N CYS B 178 -25.40 2.94 20.19
CA CYS B 178 -25.78 2.57 18.84
C CYS B 178 -25.07 3.41 17.79
N ILE B 179 -24.81 4.68 18.10
CA ILE B 179 -24.06 5.50 17.16
C ILE B 179 -22.61 5.05 17.09
N GLY B 180 -22.03 4.68 18.23
CA GLY B 180 -20.67 4.16 18.21
C GLY B 180 -20.58 2.87 17.42
N PHE B 181 -21.57 2.00 17.57
CA PHE B 181 -21.54 0.73 16.86
C PHE B 181 -21.68 0.95 15.35
N LEU B 182 -22.61 1.81 14.93
CA LEU B 182 -22.80 1.97 13.49
C LEU B 182 -21.64 2.73 12.87
N ALA B 183 -21.04 3.67 13.60
CA ALA B 183 -19.93 4.45 13.05
C ALA B 183 -18.62 3.68 13.10
N THR B 184 -18.56 2.60 13.89
CA THR B 184 -17.38 1.75 13.85
C THR B 184 -17.56 0.59 12.89
N PHE B 185 -18.80 0.22 12.57
CA PHE B 185 -19.07 -0.86 11.65
C PHE B 185 -19.13 -0.40 10.20
N MET B 186 -19.39 0.89 9.95
CA MET B 186 -19.46 1.36 8.58
C MET B 186 -18.12 1.88 8.07
N LYS B 187 -17.13 2.03 8.96
CA LYS B 187 -15.78 2.41 8.57
C LYS B 187 -14.92 1.22 8.18
N LEU B 188 -15.41 0.00 8.35
CA LEU B 188 -14.67 -1.22 8.09
C LEU B 188 -15.06 -1.90 6.79
N TYR B 189 -15.79 -1.21 5.92
CA TYR B 189 -16.19 -1.79 4.65
C TYR B 189 -15.11 -1.55 3.61
N PRO B 190 -14.73 -2.56 2.83
CA PRO B 190 -13.59 -2.39 1.90
C PRO B 190 -13.76 -1.23 0.93
N SER B 191 -14.99 -0.88 0.58
CA SER B 191 -15.21 0.25 -0.32
C SER B 191 -15.04 1.58 0.39
N MET B 192 -15.27 1.61 1.71
CA MET B 192 -15.16 2.82 2.52
C MET B 192 -13.89 2.83 3.35
N LYS B 193 -12.77 2.39 2.79
CA LYS B 193 -11.52 2.29 3.52
C LYS B 193 -10.57 3.44 3.23
N ALA B 194 -11.08 4.52 2.64
CA ALA B 194 -10.31 5.74 2.43
C ALA B 194 -10.80 6.90 3.28
N TYR B 195 -12.11 7.02 3.47
CA TYR B 195 -12.72 8.16 4.17
C TYR B 195 -12.97 7.86 5.65
N GLU B 196 -11.95 7.37 6.36
CA GLU B 196 -12.09 7.14 7.79
C GLU B 196 -12.15 8.46 8.56
N TYR B 197 -11.70 9.55 7.96
CA TYR B 197 -11.65 10.85 8.60
C TYR B 197 -12.96 11.60 8.49
N GLY B 198 -13.92 11.10 7.71
CA GLY B 198 -15.23 11.70 7.68
C GLY B 198 -16.14 10.99 8.67
N PHE B 199 -15.72 9.80 9.10
CA PHE B 199 -16.43 9.04 10.11
C PHE B 199 -15.93 9.35 11.52
N ARG B 200 -14.62 9.56 11.66
CA ARG B 200 -14.08 9.90 12.98
C ARG B 200 -14.62 11.25 13.46
N VAL B 201 -14.73 12.23 12.55
CA VAL B 201 -15.24 13.54 12.94
C VAL B 201 -16.73 13.45 13.26
N PHE B 202 -17.46 12.61 12.53
CA PHE B 202 -18.88 12.41 12.82
C PHE B 202 -19.05 11.86 14.23
N LEU B 203 -18.30 10.82 14.58
CA LEU B 203 -18.43 10.22 15.90
C LEU B 203 -18.04 11.21 16.99
N LEU B 204 -16.91 11.89 16.80
CA LEU B 204 -16.45 12.84 17.81
C LEU B 204 -17.46 13.96 18.01
N THR B 205 -18.11 14.40 16.93
CA THR B 205 -19.05 15.50 17.07
C THR B 205 -20.32 15.04 17.75
N TYR B 206 -20.87 13.91 17.32
CA TYR B 206 -22.11 13.43 17.91
C TYR B 206 -21.95 13.17 19.40
N CYS B 207 -20.80 12.60 19.80
CA CYS B 207 -20.59 12.28 21.21
C CYS B 207 -20.38 13.53 22.07
N TYR B 208 -19.70 14.54 21.52
CA TYR B 208 -19.43 15.77 22.25
C TYR B 208 -20.67 16.63 22.49
N ILE B 209 -21.79 16.39 21.81
CA ILE B 209 -22.95 17.27 21.97
C ILE B 209 -24.03 16.65 22.84
N LEU B 210 -23.83 15.44 23.35
CA LEU B 210 -24.81 14.80 24.22
C LEU B 210 -24.31 14.63 25.64
N ILE B 211 -23.02 14.83 25.89
CA ILE B 211 -22.45 14.68 27.23
C ILE B 211 -21.79 15.98 27.66
N SER B 212 -22.25 17.11 27.11
CA SER B 212 -21.64 18.40 27.41
C SER B 212 -22.64 19.41 27.95
N GLY B 213 -23.85 18.99 28.29
CA GLY B 213 -24.83 19.88 28.89
C GLY B 213 -25.66 20.65 27.88
N PHE B 214 -26.29 19.95 26.95
CA PHE B 214 -27.06 20.61 25.91
C PHE B 214 -28.16 21.52 26.47
N ARG B 215 -28.61 21.27 27.70
CA ARG B 215 -29.71 22.02 28.31
C ARG B 215 -29.25 23.15 29.22
N THR B 216 -27.95 23.43 29.27
CA THR B 216 -27.46 24.56 30.06
C THR B 216 -27.45 25.81 29.17
N GLY B 217 -26.75 26.86 29.59
CA GLY B 217 -26.64 28.05 28.78
C GLY B 217 -25.21 28.32 28.35
N GLN B 218 -24.25 27.94 29.19
CA GLN B 218 -22.84 28.07 28.83
C GLN B 218 -22.47 27.21 27.63
N PHE B 219 -23.30 26.22 27.29
CA PHE B 219 -22.99 25.33 26.18
C PHE B 219 -22.85 26.09 24.86
N ILE B 220 -23.85 26.89 24.52
CA ILE B 220 -23.86 27.57 23.23
C ILE B 220 -22.68 28.52 23.10
N GLU B 221 -22.34 29.22 24.19
CA GLU B 221 -21.22 30.16 24.14
C GLU B 221 -19.91 29.46 23.80
N VAL B 222 -19.62 28.36 24.52
CA VAL B 222 -18.38 27.62 24.28
C VAL B 222 -18.38 27.04 22.86
N ALA B 223 -19.53 26.53 22.41
CA ALA B 223 -19.59 25.98 21.07
C ALA B 223 -19.30 27.04 20.03
N ILE B 224 -19.86 28.24 20.22
CA ILE B 224 -19.67 29.30 19.24
C ILE B 224 -18.21 29.73 19.20
N SER B 225 -17.58 29.90 20.37
CA SER B 225 -16.21 30.36 20.37
C SER B 225 -15.27 29.30 19.78
N ARG B 226 -15.55 28.02 20.03
CA ARG B 226 -14.73 26.96 19.47
C ARG B 226 -14.88 26.90 17.95
N PHE B 227 -16.11 27.03 17.44
CA PHE B 227 -16.30 27.04 15.99
C PHE B 227 -15.64 28.26 15.36
N LEU B 228 -15.64 29.40 16.05
CA LEU B 228 -14.99 30.59 15.53
C LEU B 228 -13.48 30.36 15.37
N LEU B 229 -12.85 29.80 16.40
CA LEU B 229 -11.42 29.55 16.30
C LEU B 229 -11.11 28.50 15.23
N ILE B 230 -11.98 27.50 15.07
CA ILE B 230 -11.73 26.49 14.04
C ILE B 230 -11.84 27.10 12.65
N ALA B 231 -12.81 27.99 12.45
CA ALA B 231 -12.93 28.63 11.14
C ALA B 231 -11.75 29.56 10.86
N LEU B 232 -11.23 30.23 11.89
CA LEU B 232 -10.08 31.08 11.67
C LEU B 232 -8.86 30.25 11.27
N GLY B 233 -8.65 29.12 11.94
CA GLY B 233 -7.50 28.29 11.62
C GLY B 233 -7.60 27.70 10.23
N ALA B 234 -8.80 27.28 9.83
CA ALA B 234 -8.95 26.71 8.50
C ALA B 234 -8.76 27.77 7.41
N GLY B 235 -9.25 28.99 7.65
CA GLY B 235 -9.06 30.04 6.67
C GLY B 235 -7.59 30.41 6.51
N VAL B 236 -6.85 30.48 7.61
CA VAL B 236 -5.43 30.79 7.52
C VAL B 236 -4.69 29.69 6.78
N SER B 237 -4.95 28.43 7.14
CA SER B 237 -4.29 27.33 6.45
C SER B 237 -4.58 27.34 4.95
N LEU B 238 -5.84 27.57 4.57
CA LEU B 238 -6.17 27.53 3.15
C LEU B 238 -5.56 28.68 2.37
N GLY B 239 -5.44 29.86 2.98
CA GLY B 239 -4.82 30.97 2.26
C GLY B 239 -3.32 30.81 2.14
N VAL B 240 -2.67 30.32 3.20
CA VAL B 240 -1.22 30.11 3.15
C VAL B 240 -0.85 28.85 2.39
N ASN B 241 -1.84 28.06 1.98
CA ASN B 241 -1.57 26.90 1.14
C ASN B 241 -1.87 27.16 -0.31
N MET B 242 -2.86 28.01 -0.60
CA MET B 242 -3.24 28.26 -1.99
C MET B 242 -2.50 29.44 -2.60
N PHE B 243 -2.00 30.40 -1.81
CA PHE B 243 -1.41 31.60 -2.40
C PHE B 243 0.11 31.66 -2.35
N ILE B 244 0.79 30.68 -1.77
CA ILE B 244 2.26 30.66 -1.75
C ILE B 244 2.77 29.34 -2.31
N TYR B 245 3.35 29.38 -3.50
CA TYR B 245 3.94 28.22 -4.15
C TYR B 245 3.06 26.98 -4.15
N PRO B 246 1.87 27.05 -4.74
CA PRO B 246 0.97 25.88 -4.73
C PRO B 246 1.59 24.68 -5.45
N ILE B 247 1.31 23.49 -4.94
CA ILE B 247 1.69 22.23 -5.57
C ILE B 247 0.44 21.59 -6.16
N TRP B 248 0.52 21.20 -7.43
CA TRP B 248 -0.61 20.63 -8.16
C TRP B 248 -0.40 19.13 -8.37
N ALA B 249 -1.49 18.36 -8.32
CA ALA B 249 -1.43 16.92 -8.51
C ALA B 249 -1.39 16.50 -9.97
N GLY B 250 -1.82 17.38 -10.89
CA GLY B 250 -1.78 17.02 -12.30
C GLY B 250 -0.37 17.07 -12.84
N GLU B 251 0.49 17.92 -12.27
CA GLU B 251 1.88 17.91 -12.70
C GLU B 251 2.61 16.71 -12.14
N ASP B 252 2.12 16.14 -11.04
CA ASP B 252 2.74 14.94 -10.49
C ASP B 252 2.34 13.72 -11.31
N LEU B 253 1.09 13.67 -11.78
CA LEU B 253 0.71 12.57 -12.67
C LEU B 253 1.45 12.68 -14.00
N HIS B 254 1.51 13.88 -14.55
CA HIS B 254 2.23 14.11 -15.80
C HIS B 254 3.68 13.66 -15.69
N ASN B 255 4.34 14.00 -14.58
CA ASN B 255 5.75 13.64 -14.44
C ASN B 255 5.95 12.16 -14.15
N LEU B 256 4.99 11.54 -13.44
CA LEU B 256 5.10 10.12 -13.12
C LEU B 256 5.03 9.27 -14.38
N VAL B 257 4.19 9.67 -15.35
CA VAL B 257 4.10 8.87 -16.57
C VAL B 257 5.43 8.86 -17.32
N VAL B 258 6.10 10.02 -17.40
CA VAL B 258 7.38 10.11 -18.09
C VAL B 258 8.44 9.31 -17.35
N LYS B 259 8.42 9.35 -16.01
CA LYS B 259 9.40 8.60 -15.25
C LYS B 259 9.25 7.10 -15.47
N ASN B 260 8.00 6.62 -15.54
CA ASN B 260 7.79 5.20 -15.78
C ASN B 260 8.24 4.80 -17.18
N PHE B 261 8.03 5.68 -18.16
CA PHE B 261 8.48 5.38 -19.51
C PHE B 261 10.00 5.25 -19.57
N MET B 262 10.71 6.12 -18.87
CA MET B 262 12.18 6.00 -18.83
C MET B 262 12.62 4.71 -18.12
N ASN B 263 11.97 4.40 -17.00
CA ASN B 263 12.41 3.26 -16.19
C ASN B 263 12.22 1.93 -16.93
N VAL B 264 11.15 1.78 -17.70
CA VAL B 264 10.96 0.51 -18.40
C VAL B 264 12.06 0.28 -19.45
N ALA B 265 12.48 1.34 -20.13
CA ALA B 265 13.55 1.19 -21.11
C ALA B 265 14.88 0.86 -20.43
N THR B 266 15.13 1.47 -19.27
CA THR B 266 16.37 1.14 -18.55
C THR B 266 16.37 -0.32 -18.11
N SER B 267 15.22 -0.81 -17.64
CA SER B 267 15.14 -2.20 -17.21
C SER B 267 15.33 -3.16 -18.39
N LEU B 268 14.76 -2.84 -19.55
CA LEU B 268 14.92 -3.74 -20.69
C LEU B 268 16.38 -3.83 -21.13
N GLU B 269 17.06 -2.70 -21.20
CA GLU B 269 18.46 -2.74 -21.58
C GLU B 269 19.30 -3.48 -20.55
N GLY B 270 19.02 -3.26 -19.26
CA GLY B 270 19.76 -3.97 -18.23
C GLY B 270 19.53 -5.47 -18.28
N CYS B 271 18.31 -5.89 -18.63
CA CYS B 271 18.02 -7.31 -18.69
C CYS B 271 18.77 -7.98 -19.84
N VAL B 272 18.72 -7.37 -21.03
CA VAL B 272 19.42 -8.00 -22.15
C VAL B 272 20.91 -8.04 -21.89
N ASN B 273 21.47 -6.96 -21.32
CA ASN B 273 22.91 -6.97 -21.04
C ASN B 273 23.28 -8.01 -19.99
N GLY B 274 22.51 -8.09 -18.90
CA GLY B 274 22.79 -9.09 -17.90
C GLY B 274 22.71 -10.51 -18.42
N TYR B 275 21.72 -10.79 -19.27
CA TYR B 275 21.63 -12.14 -19.83
C TYR B 275 22.80 -12.43 -20.75
N LEU B 276 23.31 -11.44 -21.48
CA LEU B 276 24.39 -11.70 -22.42
C LEU B 276 25.77 -11.43 -21.82
N ARG B 277 25.84 -10.98 -20.56
CA ARG B 277 27.11 -10.67 -19.93
C ARG B 277 27.78 -11.95 -19.45
N CYS B 278 28.93 -12.27 -20.04
CA CYS B 278 29.66 -13.49 -19.69
C CYS B 278 29.97 -13.53 -18.19
N VAL B 298 17.90 -3.56 -12.15
CA VAL B 298 16.82 -3.83 -13.09
C VAL B 298 15.49 -3.90 -12.35
N TYR B 299 15.56 -4.19 -11.05
CA TYR B 299 14.35 -4.38 -10.27
C TYR B 299 13.49 -3.13 -10.25
N LYS B 300 14.10 -1.98 -9.93
CA LYS B 300 13.35 -0.75 -9.74
C LYS B 300 12.63 -0.31 -11.00
N GLY B 301 13.22 -0.52 -12.18
CA GLY B 301 12.58 -0.10 -13.40
C GLY B 301 11.20 -0.67 -13.60
N TYR B 302 11.09 -1.99 -13.68
CA TYR B 302 9.79 -2.60 -13.89
C TYR B 302 8.95 -2.62 -12.62
N ARG B 303 9.59 -2.54 -11.45
CA ARG B 303 8.83 -2.57 -10.20
C ARG B 303 8.06 -1.27 -9.98
N SER B 304 8.66 -0.13 -10.34
CA SER B 304 7.97 1.15 -10.18
C SER B 304 6.74 1.20 -11.07
N ALA B 305 6.82 0.65 -12.28
CA ALA B 305 5.67 0.61 -13.17
C ALA B 305 4.61 -0.35 -12.66
N VAL B 306 5.01 -1.57 -12.29
CA VAL B 306 4.03 -2.56 -11.85
C VAL B 306 3.30 -2.10 -10.60
N GLU B 307 4.00 -1.40 -9.70
CA GLU B 307 3.40 -1.01 -8.43
C GLU B 307 3.10 0.49 -8.36
N SER B 308 2.22 0.99 -9.22
CA SER B 308 1.92 2.41 -9.19
C SER B 308 0.47 2.78 -9.51
N THR B 309 -0.39 1.81 -9.85
CA THR B 309 -1.77 2.15 -10.21
C THR B 309 -2.49 2.90 -9.09
N SER B 310 -2.22 2.53 -7.84
CA SER B 310 -2.87 3.22 -6.72
C SER B 310 -2.50 4.69 -6.69
N GLN B 311 -1.20 5.00 -6.86
CA GLN B 311 -0.78 6.39 -6.89
C GLN B 311 -1.42 7.14 -8.05
N GLU B 312 -1.47 6.51 -9.23
CA GLU B 312 -2.04 7.17 -10.40
C GLU B 312 -3.51 7.49 -10.18
N GLU B 313 -4.25 6.59 -9.54
CA GLU B 313 -5.67 6.84 -9.32
C GLU B 313 -5.91 7.83 -8.20
N SER B 314 -5.05 7.86 -7.17
CA SER B 314 -5.16 8.88 -6.14
C SER B 314 -4.92 10.27 -6.73
N LEU B 315 -3.86 10.40 -7.53
CA LEU B 315 -3.57 11.69 -8.13
C LEU B 315 -4.65 12.09 -9.13
N MET B 316 -5.29 11.12 -9.78
CA MET B 316 -6.40 11.44 -10.67
C MET B 316 -7.64 11.87 -9.88
N SER B 317 -7.76 11.44 -8.63
CA SER B 317 -8.91 11.85 -7.81
C SER B 317 -8.81 13.27 -7.24
N PHE B 318 -7.62 13.85 -7.25
CA PHE B 318 -7.44 15.20 -6.72
C PHE B 318 -7.29 16.24 -7.83
N ALA B 319 -6.58 15.91 -8.90
CA ALA B 319 -6.37 16.83 -10.02
C ALA B 319 -7.66 17.50 -10.38
N ILE B 320 -8.75 16.82 -10.18
CA ILE B 320 -10.07 17.19 -10.73
C ILE B 320 -10.58 18.39 -9.91
N TRP B 321 -10.57 18.35 -8.62
CA TRP B 321 -10.99 19.50 -7.83
C TRP B 321 -10.36 20.75 -8.36
N GLU B 322 -9.09 20.67 -8.76
CA GLU B 322 -8.26 21.84 -9.03
C GLU B 322 -8.74 22.64 -10.24
N PRO B 323 -8.56 23.97 -10.20
CA PRO B 323 -9.00 24.82 -11.31
C PRO B 323 -7.98 24.86 -12.44
N PRO B 324 -8.36 25.34 -13.62
CA PRO B 324 -7.42 25.41 -14.74
C PRO B 324 -6.21 26.28 -14.42
N HIS B 325 -5.05 25.88 -14.95
CA HIS B 325 -3.81 26.59 -14.69
C HIS B 325 -2.75 26.11 -15.68
N GLY B 326 -2.01 27.07 -16.22
CA GLY B 326 -0.90 26.80 -17.11
C GLY B 326 -1.27 26.11 -18.41
N PRO B 327 -0.60 24.99 -18.70
CA PRO B 327 -0.88 24.27 -19.95
C PRO B 327 -2.24 23.59 -19.97
N TYR B 328 -2.84 23.33 -18.82
CA TYR B 328 -4.13 22.65 -18.75
C TYR B 328 -5.20 23.72 -18.53
N LYS B 329 -5.83 24.14 -19.61
CA LYS B 329 -6.75 25.29 -19.57
C LYS B 329 -8.21 24.93 -19.74
N SER B 330 -8.53 23.73 -20.22
CA SER B 330 -9.94 23.36 -20.32
C SER B 330 -10.49 22.96 -18.96
N PHE B 331 -11.80 23.07 -18.82
CA PHE B 331 -12.43 22.79 -17.52
C PHE B 331 -12.38 21.30 -17.19
N ASN B 332 -12.72 20.45 -18.15
CA ASN B 332 -12.65 19.00 -17.99
C ASN B 332 -11.41 18.50 -18.73
N TYR B 333 -10.34 18.25 -17.99
CA TYR B 333 -9.13 17.78 -18.65
C TYR B 333 -9.11 16.25 -18.66
N PRO B 334 -8.85 15.62 -19.81
CA PRO B 334 -8.86 14.15 -19.88
C PRO B 334 -7.74 13.49 -19.09
N TRP B 335 -7.91 13.41 -17.76
CA TRP B 335 -6.91 12.79 -16.90
C TRP B 335 -6.95 11.26 -16.95
N LYS B 336 -8.04 10.68 -17.45
CA LYS B 336 -8.16 9.23 -17.52
C LYS B 336 -7.30 8.61 -18.62
N ASN B 337 -7.01 9.36 -19.69
CA ASN B 337 -6.18 8.80 -20.75
C ASN B 337 -4.74 8.60 -20.31
N TYR B 338 -4.33 9.29 -19.24
CA TYR B 338 -2.99 9.08 -18.70
C TYR B 338 -2.93 7.75 -17.98
N VAL B 339 -4.01 7.37 -17.29
CA VAL B 339 -4.08 6.07 -16.63
C VAL B 339 -4.23 4.96 -17.66
N LYS B 340 -4.90 5.24 -18.79
CA LYS B 340 -5.03 4.21 -19.81
C LYS B 340 -3.68 3.93 -20.47
N LEU B 341 -2.86 4.98 -20.65
CA LEU B 341 -1.53 4.74 -21.20
C LEU B 341 -0.61 4.07 -20.19
N SER B 342 -0.76 4.41 -18.89
CA SER B 342 0.02 3.72 -17.88
C SER B 342 -0.34 2.24 -17.78
N GLY B 343 -1.62 1.90 -18.05
CA GLY B 343 -2.00 0.51 -18.00
C GLY B 343 -1.46 -0.27 -19.19
N ALA B 344 -1.45 0.35 -20.37
CA ALA B 344 -0.82 -0.30 -21.51
C ALA B 344 0.67 -0.52 -21.25
N LEU B 345 1.32 0.42 -20.56
CA LEU B 345 2.73 0.24 -20.28
C LEU B 345 2.97 -0.81 -19.20
N LYS B 346 2.05 -0.99 -18.26
CA LYS B 346 2.22 -2.06 -17.28
C LYS B 346 2.06 -3.43 -17.94
N HIS B 347 1.13 -3.52 -18.90
CA HIS B 347 1.00 -4.77 -19.65
C HIS B 347 2.27 -5.08 -20.41
N CYS B 348 2.92 -4.05 -20.95
CA CYS B 348 4.19 -4.28 -21.63
C CYS B 348 5.31 -4.64 -20.65
N ALA B 349 5.30 -4.08 -19.43
CA ALA B 349 6.34 -4.34 -18.44
C ALA B 349 6.25 -5.71 -17.78
N PHE B 350 5.13 -6.42 -17.92
CA PHE B 350 5.11 -7.76 -17.32
C PHE B 350 6.03 -8.74 -18.05
N THR B 351 6.19 -8.60 -19.37
CA THR B 351 7.15 -9.45 -20.07
C THR B 351 8.58 -9.13 -19.65
N VAL B 352 8.85 -7.86 -19.29
CA VAL B 352 10.19 -7.52 -18.83
C VAL B 352 10.44 -8.12 -17.46
N MET B 353 9.40 -8.19 -16.63
CA MET B 353 9.57 -8.88 -15.35
C MET B 353 9.81 -10.37 -15.55
N ALA B 354 9.22 -10.97 -16.59
CA ALA B 354 9.46 -12.39 -16.82
C ALA B 354 10.84 -12.63 -17.45
N LEU B 355 11.37 -11.65 -18.17
CA LEU B 355 12.73 -11.79 -18.68
C LEU B 355 13.75 -11.60 -17.57
N HIS B 356 13.44 -10.74 -16.60
CA HIS B 356 14.31 -10.66 -15.42
C HIS B 356 14.27 -11.96 -14.63
N GLY B 357 13.09 -12.57 -14.53
CA GLY B 357 12.99 -13.86 -13.85
C GLY B 357 13.73 -14.97 -14.55
N CYS B 358 13.87 -14.89 -15.86
CA CYS B 358 14.65 -15.91 -16.58
C CYS B 358 16.12 -15.94 -16.19
N ILE B 359 16.65 -14.84 -15.64
CA ILE B 359 18.06 -14.79 -15.24
C ILE B 359 18.32 -15.39 -13.86
N LEU B 360 17.28 -15.58 -13.04
CA LEU B 360 17.43 -16.08 -11.69
C LEU B 360 16.89 -17.50 -11.54
N SER B 361 16.94 -18.28 -12.61
CA SER B 361 16.39 -19.64 -12.59
C SER B 361 17.47 -20.66 -12.25
N GLU B 362 17.01 -21.82 -11.77
CA GLU B 362 17.93 -22.88 -11.36
C GLU B 362 18.54 -23.58 -12.57
N ILE B 363 17.77 -23.73 -13.65
CA ILE B 363 18.25 -24.33 -14.89
C ILE B 363 18.71 -23.23 -15.82
N GLN B 364 19.98 -23.31 -16.26
CA GLN B 364 20.56 -22.32 -17.15
C GLN B 364 21.24 -23.03 -18.31
N ALA B 365 21.45 -22.28 -19.40
CA ALA B 365 22.01 -22.86 -20.61
C ALA B 365 23.52 -22.71 -20.66
N PRO B 366 24.20 -23.60 -21.39
CA PRO B 366 25.66 -23.46 -21.54
C PRO B 366 26.03 -22.12 -22.15
N GLU B 367 27.12 -21.53 -21.61
CA GLU B 367 27.52 -20.20 -22.03
C GLU B 367 27.93 -20.17 -23.49
N GLU B 368 28.60 -21.22 -23.97
CA GLU B 368 29.08 -21.23 -25.34
C GLU B 368 27.95 -21.23 -26.37
N ARG B 369 26.74 -21.66 -25.99
CA ARG B 369 25.62 -21.69 -26.91
C ARG B 369 24.83 -20.38 -26.93
N ARG B 370 24.99 -19.53 -25.92
CA ARG B 370 24.30 -18.24 -25.88
C ARG B 370 24.98 -17.18 -26.74
N GLN B 371 26.19 -17.45 -27.22
CA GLN B 371 26.95 -16.47 -27.99
C GLN B 371 26.69 -16.56 -29.49
N VAL B 372 25.77 -17.42 -29.92
CA VAL B 372 25.43 -17.53 -31.33
C VAL B 372 24.36 -16.54 -31.77
N PHE B 373 23.56 -16.02 -30.84
CA PHE B 373 22.45 -15.11 -31.15
C PHE B 373 22.65 -13.73 -30.55
N ARG B 374 23.88 -13.39 -30.12
CA ARG B 374 24.11 -12.14 -29.40
C ARG B 374 23.70 -10.92 -30.20
N GLN B 375 24.07 -10.86 -31.49
CA GLN B 375 23.79 -9.66 -32.28
C GLN B 375 22.28 -9.44 -32.45
N GLU B 376 21.55 -10.51 -32.81
CA GLU B 376 20.11 -10.39 -33.00
C GLU B 376 19.41 -10.04 -31.69
N LEU B 377 19.89 -10.59 -30.58
CA LEU B 377 19.28 -10.27 -29.29
C LEU B 377 19.54 -8.82 -28.89
N GLN B 378 20.73 -8.30 -29.19
CA GLN B 378 21.05 -6.94 -28.80
C GLN B 378 20.36 -5.90 -29.67
N ARG B 379 20.07 -6.24 -30.93
CA ARG B 379 19.39 -5.29 -31.80
C ARG B 379 17.98 -5.00 -31.31
N VAL B 380 17.27 -6.05 -30.87
CA VAL B 380 15.90 -5.86 -30.39
C VAL B 380 15.89 -4.97 -29.15
N GLY B 381 16.86 -5.15 -28.26
CA GLY B 381 16.93 -4.32 -27.07
C GLY B 381 17.20 -2.87 -27.41
N VAL B 382 18.17 -2.63 -28.30
CA VAL B 382 18.49 -1.26 -28.67
C VAL B 382 17.27 -0.57 -29.29
N GLU B 383 16.57 -1.27 -30.18
CA GLU B 383 15.43 -0.64 -30.85
C GLU B 383 14.26 -0.41 -29.89
N GLY B 384 14.05 -1.33 -28.95
CA GLY B 384 12.97 -1.13 -27.99
C GLY B 384 13.24 0.00 -27.04
N ALA B 385 14.50 0.15 -26.62
CA ALA B 385 14.83 1.26 -25.73
C ALA B 385 14.71 2.59 -26.45
N LYS B 386 15.13 2.62 -27.72
CA LYS B 386 14.99 3.86 -28.49
C LYS B 386 13.53 4.25 -28.65
N LEU B 387 12.66 3.27 -28.92
CA LEU B 387 11.25 3.58 -29.10
C LEU B 387 10.61 4.07 -27.80
N LEU B 388 10.92 3.41 -26.68
CA LEU B 388 10.32 3.86 -25.43
C LEU B 388 10.83 5.23 -25.01
N ARG B 389 12.08 5.56 -25.34
CA ARG B 389 12.59 6.87 -24.96
C ARG B 389 12.01 7.96 -25.86
N GLU B 390 11.73 7.63 -27.12
CA GLU B 390 11.12 8.64 -27.99
C GLU B 390 9.66 8.86 -27.61
N LEU B 391 8.97 7.82 -27.14
CA LEU B 391 7.61 8.02 -26.66
C LEU B 391 7.58 8.83 -25.37
N GLY B 392 8.58 8.63 -24.50
CA GLY B 392 8.64 9.44 -23.30
C GLY B 392 8.93 10.90 -23.60
N GLU B 393 9.83 11.15 -24.56
CA GLU B 393 10.13 12.52 -24.94
C GLU B 393 8.95 13.20 -25.61
N LYS B 394 8.15 12.45 -26.38
CA LYS B 394 6.98 13.07 -27.00
C LYS B 394 5.86 13.31 -25.98
N VAL B 395 5.75 12.47 -24.95
CA VAL B 395 4.75 12.72 -23.92
C VAL B 395 5.13 13.93 -23.08
N LYS B 396 6.43 14.08 -22.76
CA LYS B 396 6.84 15.19 -21.91
C LYS B 396 6.62 16.55 -22.59
N LYS B 397 6.99 16.67 -23.86
CA LYS B 397 6.82 17.92 -24.58
C LYS B 397 5.40 18.18 -25.06
N MET B 398 4.49 17.22 -24.93
CA MET B 398 3.12 17.36 -25.42
C MET B 398 3.11 17.65 -26.91
N GLU B 399 3.59 16.68 -27.68
CA GLU B 399 3.72 16.79 -29.13
C GLU B 399 3.16 15.55 -29.80
N LYS B 400 2.62 15.74 -31.00
CA LYS B 400 2.04 14.64 -31.75
C LYS B 400 3.12 13.87 -32.51
N LEU B 401 2.71 12.74 -33.09
CA LEU B 401 3.62 11.88 -33.85
C LEU B 401 3.69 12.35 -35.29
N GLY B 402 4.88 12.20 -35.89
CA GLY B 402 5.10 12.65 -37.24
C GLY B 402 4.56 11.71 -38.30
N PRO B 403 5.03 11.88 -39.54
CA PRO B 403 4.52 11.06 -40.65
C PRO B 403 5.04 9.64 -40.70
N VAL B 404 6.30 9.43 -40.33
CA VAL B 404 6.94 8.12 -40.46
C VAL B 404 6.39 7.14 -39.42
N ASP B 405 6.71 5.86 -39.59
CA ASP B 405 6.27 4.80 -38.70
C ASP B 405 7.36 4.49 -37.68
N LEU B 406 6.97 4.42 -36.41
CA LEU B 406 7.92 4.23 -35.31
C LEU B 406 8.22 2.77 -35.01
N LEU B 407 7.53 1.81 -35.64
CA LEU B 407 7.72 0.40 -35.34
C LEU B 407 8.28 -0.38 -36.53
N PHE B 408 9.09 0.25 -37.36
CA PHE B 408 9.64 -0.44 -38.52
C PHE B 408 10.96 -1.15 -38.21
N GLU B 409 11.87 -0.47 -37.52
CA GLU B 409 13.16 -1.07 -37.20
C GLU B 409 13.03 -2.21 -36.19
N VAL B 410 12.15 -2.07 -35.21
CA VAL B 410 11.99 -3.14 -34.22
C VAL B 410 11.37 -4.36 -34.87
N HIS B 411 10.41 -4.16 -35.77
CA HIS B 411 9.80 -5.29 -36.48
C HIS B 411 10.83 -5.99 -37.37
N LEU B 412 11.66 -5.22 -38.08
CA LEU B 412 12.70 -5.84 -38.89
C LEU B 412 13.68 -6.62 -38.03
N ALA B 413 14.04 -6.06 -36.86
CA ALA B 413 14.96 -6.75 -35.96
C ALA B 413 14.36 -8.07 -35.47
N ALA B 414 13.07 -8.07 -35.13
CA ALA B 414 12.48 -9.30 -34.61
C ALA B 414 12.31 -10.33 -35.72
N GLU B 415 12.11 -9.89 -36.97
CA GLU B 415 12.02 -10.85 -38.05
C GLU B 415 13.38 -11.47 -38.35
N GLU B 416 14.44 -10.66 -38.24
CA GLU B 416 15.78 -11.21 -38.40
C GLU B 416 16.11 -12.19 -37.28
N LEU B 417 15.68 -11.87 -36.06
CA LEU B 417 15.86 -12.81 -34.95
C LEU B 417 15.17 -14.14 -35.23
N GLN B 418 13.91 -14.09 -35.67
CA GLN B 418 13.20 -15.33 -35.98
C GLN B 418 13.89 -16.12 -37.08
N HIS B 419 14.38 -15.44 -38.13
CA HIS B 419 15.11 -16.14 -39.18
C HIS B 419 16.36 -16.81 -38.64
N LYS B 420 17.11 -16.10 -37.78
CA LYS B 420 18.32 -16.69 -37.21
C LYS B 420 17.99 -17.91 -36.36
N ILE B 421 16.92 -17.83 -35.57
CA ILE B 421 16.55 -18.97 -34.74
C ILE B 421 16.16 -20.16 -35.60
N ASP B 422 15.45 -19.90 -36.70
CA ASP B 422 15.06 -20.97 -37.60
C ASP B 422 16.28 -21.62 -38.26
N LYS B 423 17.30 -20.83 -38.57
CA LYS B 423 18.50 -21.39 -39.21
C LYS B 423 19.27 -22.31 -38.27
N LYS B 424 19.32 -22.00 -36.98
CA LYS B 424 20.11 -22.78 -36.03
C LYS B 424 19.28 -23.32 -34.87
N SER B 425 18.24 -24.08 -35.18
CA SER B 425 17.35 -24.62 -34.16
C SER B 425 17.74 -26.02 -33.69
N TYR B 426 18.79 -26.61 -34.24
CA TYR B 426 19.22 -27.94 -33.81
C TYR B 426 20.01 -27.89 -32.51
N LEU B 427 20.22 -26.72 -31.93
CA LEU B 427 20.95 -26.56 -30.69
C LEU B 427 20.04 -26.54 -29.47
N LEU B 428 18.72 -26.64 -29.67
CA LEU B 428 17.76 -26.58 -28.58
C LEU B 428 17.07 -27.91 -28.30
N VAL B 429 17.09 -28.84 -29.25
CA VAL B 429 16.42 -30.13 -29.11
C VAL B 429 17.44 -31.24 -29.35
N ASN B 430 16.97 -32.48 -29.21
CA ASN B 430 17.80 -33.67 -29.44
C ASN B 430 17.14 -34.50 -30.54
N SER B 431 17.77 -34.53 -31.72
CA SER B 431 17.21 -35.25 -32.86
C SER B 431 17.42 -36.75 -32.77
N GLU B 432 18.37 -37.22 -31.97
CA GLU B 432 18.63 -38.65 -31.88
C GLU B 432 17.41 -39.39 -31.35
N CYS B 433 16.69 -38.80 -30.39
CA CYS B 433 15.56 -39.46 -29.76
C CYS B 433 14.27 -39.34 -30.56
N TRP B 434 14.28 -38.61 -31.69
CA TRP B 434 13.06 -38.40 -32.46
C TRP B 434 12.44 -39.73 -32.85
N GLU B 435 11.14 -39.87 -32.61
CA GLU B 435 10.41 -41.09 -32.95
C GLU B 435 9.11 -40.77 -33.68
N LYS B 527 20.02 -36.99 -20.57
CA LYS B 527 19.88 -36.41 -19.24
C LYS B 527 18.76 -35.36 -19.23
N THR B 528 18.03 -35.28 -18.13
CA THR B 528 16.97 -34.29 -18.01
C THR B 528 17.54 -32.88 -17.93
N TYR B 529 18.58 -32.68 -17.12
CA TYR B 529 19.14 -31.34 -16.95
C TYR B 529 19.68 -30.80 -18.27
N GLU B 530 20.39 -31.62 -19.03
CA GLU B 530 20.94 -31.17 -20.30
C GLU B 530 19.84 -30.69 -21.24
N SER B 531 18.78 -31.48 -21.37
CA SER B 531 17.68 -31.12 -22.26
C SER B 531 16.98 -29.86 -21.79
N ALA B 532 16.78 -29.71 -20.47
CA ALA B 532 16.12 -28.51 -19.98
C ALA B 532 17.00 -27.28 -20.18
N SER B 533 18.31 -27.45 -20.04
CA SER B 533 19.22 -26.31 -20.23
C SER B 533 19.24 -25.90 -21.70
N ALA B 534 19.13 -26.86 -22.60
CA ALA B 534 19.06 -26.51 -24.02
C ALA B 534 17.74 -25.84 -24.36
N LEU B 535 16.64 -26.31 -23.77
CA LEU B 535 15.33 -25.73 -24.01
C LEU B 535 15.10 -24.40 -23.30
N SER B 536 16.04 -23.99 -22.43
CA SER B 536 15.87 -22.73 -21.70
C SER B 536 16.10 -21.48 -22.57
N LEU B 537 16.93 -21.57 -23.61
CA LEU B 537 17.19 -20.41 -24.47
C LEU B 537 15.95 -20.00 -25.26
N ALA B 538 15.20 -20.99 -25.75
CA ALA B 538 13.99 -20.70 -26.52
C ALA B 538 13.00 -19.89 -25.71
N THR B 539 12.97 -20.06 -24.39
CA THR B 539 12.06 -19.27 -23.55
C THR B 539 12.45 -17.80 -23.57
N PHE B 540 13.73 -17.49 -23.43
CA PHE B 540 14.20 -16.11 -23.51
C PHE B 540 13.85 -15.50 -24.87
N ALA B 541 14.09 -16.25 -25.95
CA ALA B 541 13.80 -15.71 -27.27
C ALA B 541 12.29 -15.48 -27.48
N SER B 542 11.46 -16.42 -27.04
CA SER B 542 10.02 -16.26 -27.19
C SER B 542 9.50 -15.11 -26.36
N LEU B 543 10.09 -14.87 -25.19
CA LEU B 543 9.62 -13.77 -24.35
C LEU B 543 10.02 -12.43 -24.96
N LEU B 544 11.20 -12.36 -25.58
CA LEU B 544 11.58 -11.14 -26.28
C LEU B 544 10.65 -10.86 -27.46
N ILE B 545 10.25 -11.91 -28.18
CA ILE B 545 9.35 -11.68 -29.31
C ILE B 545 7.96 -11.26 -28.83
N GLU B 546 7.50 -11.80 -27.70
CA GLU B 546 6.22 -11.36 -27.16
C GLU B 546 6.29 -9.90 -26.71
N PHE B 547 7.43 -9.51 -26.13
CA PHE B 547 7.59 -8.11 -25.73
C PHE B 547 7.53 -7.20 -26.94
N VAL B 548 8.10 -7.64 -28.06
CA VAL B 548 8.06 -6.77 -29.24
C VAL B 548 6.67 -6.76 -29.86
N ALA B 549 5.90 -7.83 -29.67
CA ALA B 549 4.54 -7.88 -30.19
C ALA B 549 3.54 -7.10 -29.35
N ARG B 550 3.89 -6.72 -28.12
CA ARG B 550 2.96 -5.99 -27.25
C ARG B 550 3.05 -4.46 -27.32
N LEU B 551 3.80 -3.88 -28.26
CA LEU B 551 3.98 -2.42 -28.28
C LEU B 551 2.95 -1.66 -29.13
N GLN B 552 2.21 -2.35 -30.00
CA GLN B 552 1.23 -1.66 -30.84
C GLN B 552 0.09 -1.07 -30.01
N ASN B 553 -0.31 -1.75 -28.92
CA ASN B 553 -1.36 -1.21 -28.07
C ASN B 553 -0.91 0.05 -27.35
N VAL B 554 0.39 0.14 -27.02
CA VAL B 554 0.88 1.35 -26.37
C VAL B 554 0.93 2.50 -27.35
N VAL B 555 1.29 2.21 -28.61
CA VAL B 555 1.26 3.29 -29.59
C VAL B 555 -0.16 3.74 -29.88
N ASP B 556 -1.13 2.82 -29.81
CA ASP B 556 -2.52 3.19 -30.00
C ASP B 556 -3.03 4.06 -28.86
N ALA B 557 -2.68 3.70 -27.61
CA ALA B 557 -3.11 4.51 -26.48
C ALA B 557 -2.45 5.89 -26.52
N PHE B 558 -1.21 5.98 -27.01
CA PHE B 558 -0.59 7.30 -27.11
C PHE B 558 -1.30 8.14 -28.16
N LYS B 559 -1.70 7.53 -29.28
CA LYS B 559 -2.43 8.30 -30.28
C LYS B 559 -3.75 8.80 -29.72
N GLU B 560 -4.43 7.97 -28.92
CA GLU B 560 -5.69 8.40 -28.33
C GLU B 560 -5.49 9.56 -27.36
N LEU B 561 -4.41 9.52 -26.57
CA LEU B 561 -4.16 10.63 -25.65
C LEU B 561 -3.75 11.89 -26.39
N SER B 562 -2.95 11.75 -27.45
CA SER B 562 -2.54 12.93 -28.20
C SER B 562 -3.71 13.51 -29.00
N GLN B 563 -4.79 12.76 -29.16
CA GLN B 563 -5.95 13.28 -29.87
C GLN B 563 -6.95 13.92 -28.92
N LYS B 564 -7.21 13.31 -27.76
CA LYS B 564 -8.19 13.89 -26.84
C LYS B 564 -7.66 15.10 -26.08
N ALA B 565 -6.35 15.24 -25.91
CA ALA B 565 -5.77 16.34 -25.15
C ALA B 565 -5.34 17.51 -26.02
N ASN B 566 -5.60 17.46 -27.32
CA ASN B 566 -5.30 18.55 -28.24
C ASN B 566 -3.80 18.90 -28.23
N PHE B 567 -2.97 17.88 -28.40
CA PHE B 567 -1.54 18.11 -28.52
C PHE B 567 -1.22 18.89 -29.79
N LYS B 568 -0.05 19.52 -29.81
CA LYS B 568 0.35 20.36 -30.92
C LYS B 568 1.04 19.55 -32.02
N GLU B 569 0.95 20.06 -33.25
CA GLU B 569 1.58 19.41 -34.38
C GLU B 569 3.10 19.44 -34.24
N PRO B 570 3.78 18.34 -34.54
CA PRO B 570 5.24 18.29 -34.38
C PRO B 570 5.92 19.43 -35.12
N GLU B 571 6.93 20.02 -34.48
CA GLU B 571 7.67 21.16 -35.02
C GLU B 571 7.82 21.12 -36.53
P1 LPP C . -4.13 12.18 15.68
O2 LPP C . -3.75 12.89 14.40
O3 LPP C . -5.33 11.29 15.42
O4 LPP C . -2.98 11.32 16.14
O5 LPP C . -4.50 13.29 16.85
C6 LPP C . -3.73 13.31 18.02
C7 LPP C . -4.29 14.36 18.98
C8 LPP C . -5.25 13.66 19.99
O9 LPP C . -3.24 14.98 19.64
O27 LPP C . -4.52 13.07 21.06
C11 LPP C . -3.60 15.66 20.84
O10 LPP C . -4.45 16.50 20.81
C12 LPP C . -2.89 15.29 22.16
C13 LPP C . -2.03 16.48 22.67
C14 LPP C . -2.21 16.61 24.22
C15 LPP C . -3.58 17.28 24.53
C16 LPP C . -3.41 18.82 24.70
C17 LPP C . -3.23 19.19 26.21
C18 LPP C . -1.73 19.07 26.63
C19 LPP C . -1.50 17.77 27.43
C20 LPP C . -1.68 18.04 28.95
C21 LPP C . -0.68 17.15 29.77
C22 LPP C . 0.78 17.70 29.60
C23 LPP C . 1.72 16.53 29.10
C24 LPP C . 3.19 17.03 29.00
C25 LPP C . 3.79 17.20 30.44
C26 LPP C . 5.33 17.26 30.37
C29 LPP C . -5.35 12.64 22.14
O28 LPP C . -6.05 13.41 22.71
C30 LPP C . -5.32 11.15 22.60
C31 LPP C . -3.85 10.62 22.58
C32 LPP C . -3.01 11.41 23.58
C33 LPP C . -1.56 10.89 23.56
C34 LPP C . -1.17 10.31 24.94
C35 LPP C . -1.93 8.98 25.19
C36 LPP C . -0.95 7.84 25.60
C37 LPP C . -1.43 7.19 26.93
C38 LPP C . -0.69 5.83 27.14
C39 LPP C . -0.02 5.80 28.56
C40 LPP C . 0.95 4.59 28.65
C41 LPP C . 2.24 5.01 29.40
C42 LPP C . 3.29 3.90 29.29
C43 LPP C . 4.65 4.41 29.79
C44 LPP C . 5.39 3.27 30.49
HC61 LPP C . -3.76 12.34 18.49
HC62 LPP C . -2.71 13.57 17.77
HC7 LPP C . -4.85 15.10 18.42
HC81 LPP C . -5.94 14.40 20.39
HC82 LPP C . -5.82 12.90 19.47
H121 LPP C . -2.25 14.43 22.00
H122 LPP C . -3.64 15.03 22.91
H131 LPP C . -0.98 16.30 22.44
H132 LPP C . -2.36 17.40 22.19
H141 LPP C . -1.41 17.22 24.61
H142 LPP C . -2.17 15.62 24.66
H151 LPP C . -4.28 17.08 23.71
H152 LPP C . -3.99 16.84 25.45
H161 LPP C . -4.31 19.33 24.33
H162 LPP C . -2.56 19.16 24.14
H171 LPP C . -3.56 20.22 26.37
H172 LPP C . -3.82 18.53 26.82
H181 LPP C . -1.46 19.92 27.24
H182 LPP C . -1.10 19.07 25.75
H191 LPP C . -0.51 17.41 27.24
H192 LPP C . -2.22 17.01 27.11
H201 LPP C . -2.70 17.78 29.24
H202 LPP C . -1.50 19.06 29.17
H211 LPP C . -0.95 17.18 30.81
H212 LPP C . -0.72 16.13 29.41
H221 LPP C . 1.14 18.06 30.55
H222 LPP C . 0.79 18.49 28.88
H231 LPP C . 1.38 16.21 28.13
H232 LPP C . 1.66 15.70 29.79
H241 LPP C . 3.22 17.98 28.49
H242 LPP C . 3.78 16.31 28.45
H251 LPP C . 3.49 16.35 31.04
H252 LPP C . 3.41 18.11 30.88
H261 LPP C . 5.68 16.88 29.41
H262 LPP C . 5.66 18.30 30.48
H263 LPP C . 5.76 16.66 31.17
H301 LPP C . -5.72 11.07 23.61
H302 LPP C . -5.92 10.54 21.92
H311 LPP C . -3.85 9.57 22.85
H312 LPP C . -3.45 10.75 21.58
H321 LPP C . -3.42 11.30 24.59
H322 LPP C . -2.99 12.47 23.31
H331 LPP C . -1.47 10.10 22.81
H332 LPP C . -0.89 11.70 23.30
H341 LPP C . -0.11 10.16 24.97
H342 LPP C . -1.44 11.03 25.71
H351 LPP C . -2.45 8.69 24.29
H352 LPP C . -2.65 9.13 25.98
H361 LPP C . 0.05 8.23 25.74
H362 LPP C . -0.93 7.09 24.82
H371 LPP C . -2.50 7.00 26.88
H372 LPP C . -1.22 7.85 27.76
H381 LPP C . 0.07 5.71 26.38
H382 LPP C . -1.40 5.01 27.07
H391 LPP C . -0.79 5.71 29.32
H392 LPP C . 0.53 6.73 28.71
H401 LPP C . 1.22 4.26 27.65
H402 LPP C . 0.46 3.78 29.18
H411 LPP C . 2.63 5.92 28.98
H412 LPP C . 1.99 5.18 30.45
H421 LPP C . 2.99 3.04 29.89
H422 LPP C . 3.38 3.59 28.25
H431 LPP C . 4.48 5.23 30.49
H432 LPP C . 5.23 4.75 28.94
H441 LPP C . 4.86 3.01 31.41
H442 LPP C . 5.43 2.41 29.84
H443 LPP C . 6.39 3.59 30.73
P1 LPP D . -8.26 13.33 13.12
O2 LPP D . -8.29 11.92 13.63
O3 LPP D . -6.83 13.73 12.85
O4 LPP D . -9.05 13.42 11.84
O5 LPP D . -8.92 14.35 14.25
C6 LPP D . -10.15 14.96 13.98
C7 LPP D . -10.52 15.91 15.11
C8 LPP D . -9.87 17.29 14.86
O9 LPP D . -11.91 16.02 15.19
O27 LPP D . -10.71 18.07 14.00
C11 LPP D . -12.36 17.09 16.00
O10 LPP D . -11.97 17.21 17.11
C12 LPP D . -13.37 18.12 15.41
C13 LPP D . -14.81 17.81 15.92
C14 LPP D . -15.37 19.05 16.69
C15 LPP D . -14.47 19.34 17.94
C16 LPP D . -15.37 19.81 19.13
C17 LPP D . -16.08 21.15 18.76
C18 LPP D . -17.60 20.93 18.47
C19 LPP D . -17.98 21.50 17.08
C20 LPP D . -18.38 23.00 17.24
C21 LPP D . -19.06 23.51 15.93
C22 LPP D . -20.49 22.88 15.80
C23 LPP D . -20.55 21.97 14.51
C24 LPP D . -21.95 21.30 14.39
C25 LPP D . -23.05 22.39 14.13
C26 LPP D . -24.34 21.73 13.60
C29 LPP D . -10.35 19.46 13.95
O28 LPP D . -10.32 20.10 14.96
C30 LPP D . -9.98 20.13 12.60
C31 LPP D . -11.02 19.73 11.51
C32 LPP D . -12.40 20.32 11.87
C33 LPP D . -13.43 19.93 10.79
C34 LPP D . -13.73 21.13 9.86
C35 LPP D . -12.55 21.36 8.87
C36 LPP D . -13.11 21.63 7.44
C37 LPP D . -13.78 23.04 7.39
C38 LPP D . -13.69 23.59 5.92
C39 LPP D . -14.59 24.86 5.77
C40 LPP D . -15.23 24.87 4.36
C41 LPP D . -16.64 24.25 4.43
C42 LPP D . -17.13 23.86 3.02
C43 LPP D . -18.13 24.92 2.51
C44 LPP D . -18.76 24.43 1.21
HC61 LPP D . -10.08 15.52 13.05
HC62 LPP D . -10.92 14.20 13.87
HC7 LPP D . -10.14 15.50 16.05
HC81 LPP D . -9.76 17.81 15.81
HC82 LPP D . -8.91 17.16 14.40
H121 LPP D . -13.36 18.04 14.32
H122 LPP D . -13.07 19.13 15.70
H131 LPP D . -15.45 17.59 15.07
H132 LPP D . -14.78 16.96 16.58
H141 LPP D . -16.38 18.84 17.01
H142 LPP D . -15.36 19.91 16.03
H151 LPP D . -13.95 18.43 18.23
H152 LPP D . -13.75 20.12 17.70
H161 LPP D . -14.74 19.98 20.01
H162 LPP D . -16.11 19.05 19.36
H171 LPP D . -15.98 21.85 19.60
H172 LPP D . -15.60 21.58 17.90
H181 LPP D . -18.18 21.43 19.24
H182 LPP D . -17.83 19.87 18.48
H191 LPP D . -18.82 20.95 16.69
H192 LPP D . -17.15 21.41 16.40
H201 LPP D . -17.48 23.59 17.43
H202 LPP D . -19.06 23.11 18.07
H211 LPP D . -19.15 24.60 15.97
H212 LPP D . -18.47 23.24 15.08
H221 LPP D . -21.22 23.68 15.71
H222 LPP D . -20.72 22.29 16.67
H231 LPP D . -19.79 21.21 14.59
H232 LPP D . -20.35 22.58 13.63
H241 LPP D . -22.19 20.77 15.31
H242 LPP D . -21.95 20.60 13.57
H251 LPP D . -22.68 23.10 13.40
H252 LPP D . -23.27 22.91 15.06
H261 LPP D . -24.94 22.47 13.08
H262 LPP D . -24.08 20.93 12.90
H263 LPP D . -24.91 21.31 14.42
H301 LPP D . -9.98 21.21 12.72
H302 LPP D . -8.99 19.80 12.28
H311 LPP D . -10.69 20.11 10.56
H312 LPP D . -11.10 18.65 11.47
H321 LPP D . -12.32 21.41 11.92
H322 LPP D . -12.72 19.93 12.83
H331 LPP D . -13.03 19.11 10.20
H332 LPP D . -14.35 19.61 11.28
H341 LPP D . -14.63 20.93 9.31
H342 LPP D . -13.87 22.02 10.46
H351 LPP D . -11.93 20.48 8.83
H352 LPP D . -11.96 22.21 9.20
H361 LPP D . -13.84 20.87 7.20
H362 LPP D . -12.29 21.60 6.73
H371 LPP D . -13.26 23.72 8.05
H372 LPP D . -14.81 22.97 7.68
H381 LPP D . -14.03 22.82 5.24
H382 LPP D . -12.66 23.84 5.69
H391 LPP D . -13.98 25.75 5.90
H392 LPP D . -15.36 24.85 6.53
H401 LPP D . -14.61 24.30 3.67
H402 LPP D . -15.31 25.90 4.01
H411 LPP D . -16.61 23.36 5.05
H412 LPP D . -17.33 24.96 4.86
H421 LPP D . -16.28 23.82 2.34
H422 LPP D . -17.62 22.90 3.05
H431 LPP D . -17.61 25.86 2.33
H432 LPP D . -18.90 25.06 3.26
H441 LPP D . -18.00 23.95 0.60
H442 LPP D . -19.55 23.70 1.43
H443 LPP D . -19.18 25.27 0.68
#